data_2LVN
#
_entry.id   2LVN
#
_entity_poly.entity_id   1
_entity_poly.type   'polypeptide(L)'
_entity_poly.pdbx_seq_one_letter_code
;SNSQLNAMAHQIQEMFPQVPYHLVLQDLQLTRSVEITTDNILEGRIQVPFPT
;
_entity_poly.pdbx_strand_id   C
#
# COMPACT_ATOMS: atom_id res chain seq x y z
N SER A 1 -0.83 -14.93 -8.99
CA SER A 1 -1.53 -14.26 -10.10
C SER A 1 -1.89 -12.81 -9.71
N ASN A 2 -1.15 -12.24 -8.76
CA ASN A 2 -1.43 -10.88 -8.29
C ASN A 2 -0.33 -9.93 -8.73
N SER A 3 0.30 -10.23 -9.86
CA SER A 3 1.39 -9.42 -10.39
C SER A 3 0.98 -7.96 -10.57
N GLN A 4 -0.26 -7.73 -11.01
CA GLN A 4 -0.77 -6.39 -11.21
C GLN A 4 -0.86 -5.64 -9.89
N LEU A 5 -1.32 -6.32 -8.85
CA LEU A 5 -1.45 -5.71 -7.54
C LEU A 5 -0.09 -5.39 -6.97
N ASN A 6 0.86 -6.30 -7.18
CA ASN A 6 2.22 -6.11 -6.71
C ASN A 6 2.86 -4.92 -7.40
N ALA A 7 2.64 -4.82 -8.69
CA ALA A 7 3.19 -3.73 -9.49
C ALA A 7 2.59 -2.39 -9.09
N MET A 8 1.28 -2.37 -8.83
CA MET A 8 0.61 -1.14 -8.43
C MET A 8 1.18 -0.59 -7.14
N ALA A 9 1.44 -1.48 -6.18
CA ALA A 9 1.99 -1.08 -4.90
C ALA A 9 3.38 -0.48 -5.05
N HIS A 10 4.03 -0.78 -6.17
CA HIS A 10 5.37 -0.27 -6.45
C HIS A 10 5.35 1.24 -6.57
N GLN A 11 4.34 1.75 -7.29
CA GLN A 11 4.19 3.20 -7.47
C GLN A 11 3.94 3.88 -6.15
N ILE A 12 3.13 3.25 -5.31
CA ILE A 12 2.82 3.79 -4.00
C ILE A 12 4.06 3.80 -3.13
N GLN A 13 4.87 2.74 -3.23
CA GLN A 13 6.11 2.63 -2.47
C GLN A 13 7.08 3.72 -2.91
N GLU A 14 6.98 4.10 -4.16
CA GLU A 14 7.81 5.14 -4.72
C GLU A 14 7.38 6.51 -4.17
N MET A 15 6.08 6.74 -4.15
CA MET A 15 5.53 7.98 -3.65
C MET A 15 5.63 8.06 -2.13
N PHE A 16 5.35 6.95 -1.47
CA PHE A 16 5.38 6.87 -0.03
C PHE A 16 6.29 5.73 0.44
N PRO A 17 7.62 5.96 0.45
CA PRO A 17 8.60 4.96 0.89
C PRO A 17 8.56 4.73 2.40
N GLN A 18 7.73 5.51 3.08
CA GLN A 18 7.59 5.41 4.52
C GLN A 18 6.76 4.18 4.94
N VAL A 19 5.94 3.68 4.03
CA VAL A 19 5.06 2.57 4.36
C VAL A 19 5.62 1.22 3.88
N PRO A 20 5.18 0.11 4.51
CA PRO A 20 5.62 -1.25 4.16
C PRO A 20 4.97 -1.75 2.88
N TYR A 21 5.81 -2.18 1.96
CA TYR A 21 5.39 -2.65 0.64
C TYR A 21 4.31 -3.74 0.74
N HIS A 22 4.53 -4.70 1.62
CA HIS A 22 3.64 -5.85 1.74
C HIS A 22 2.29 -5.46 2.33
N LEU A 23 2.28 -4.50 3.24
CA LEU A 23 1.02 -4.04 3.83
C LEU A 23 0.24 -3.25 2.79
N VAL A 24 0.95 -2.68 1.84
CA VAL A 24 0.31 -1.97 0.74
C VAL A 24 -0.33 -3.00 -0.19
N LEU A 25 0.42 -4.07 -0.46
CA LEU A 25 -0.06 -5.18 -1.28
C LEU A 25 -1.40 -5.69 -0.77
N GLN A 26 -1.53 -5.72 0.56
CA GLN A 26 -2.74 -6.16 1.20
C GLN A 26 -3.91 -5.24 0.85
N ASP A 27 -3.68 -3.93 0.92
CA ASP A 27 -4.74 -2.97 0.62
C ASP A 27 -5.14 -3.06 -0.84
N LEU A 28 -4.18 -3.41 -1.69
CA LEU A 28 -4.45 -3.58 -3.10
C LEU A 28 -5.35 -4.80 -3.34
N GLN A 29 -5.46 -5.66 -2.32
CA GLN A 29 -6.41 -6.75 -2.36
C GLN A 29 -7.77 -6.22 -1.92
N LEU A 30 -7.72 -5.29 -0.99
CA LEU A 30 -8.89 -4.67 -0.42
C LEU A 30 -9.57 -3.74 -1.42
N THR A 31 -8.82 -2.80 -1.95
CA THR A 31 -9.39 -1.79 -2.83
C THR A 31 -9.03 -2.00 -4.29
N ARG A 32 -7.85 -2.56 -4.54
CA ARG A 32 -7.33 -2.73 -5.90
C ARG A 32 -7.19 -1.39 -6.61
N SER A 33 -7.07 -0.33 -5.83
CA SER A 33 -6.95 1.01 -6.35
C SER A 33 -5.89 1.77 -5.59
N VAL A 34 -4.76 2.07 -6.25
CA VAL A 34 -3.68 2.78 -5.60
C VAL A 34 -4.12 4.16 -5.15
N GLU A 35 -5.11 4.71 -5.84
CA GLU A 35 -5.66 6.00 -5.49
C GLU A 35 -6.34 5.94 -4.14
N ILE A 36 -6.99 4.83 -3.87
CA ILE A 36 -7.64 4.63 -2.60
C ILE A 36 -6.61 4.23 -1.56
N THR A 37 -5.81 3.21 -1.89
CA THR A 37 -4.74 2.70 -1.05
C THR A 37 -3.88 3.84 -0.47
N THR A 38 -3.55 4.83 -1.29
CA THR A 38 -2.74 5.94 -0.83
C THR A 38 -3.49 6.77 0.21
N ASP A 39 -4.76 7.05 -0.07
CA ASP A 39 -5.61 7.80 0.86
C ASP A 39 -5.89 6.93 2.07
N ASN A 40 -5.97 5.64 1.81
CA ASN A 40 -6.15 4.63 2.84
C ASN A 40 -5.03 4.71 3.85
N ILE A 41 -3.79 4.78 3.33
CA ILE A 41 -2.61 4.95 4.17
C ILE A 41 -2.79 6.14 5.10
N LEU A 42 -3.24 7.22 4.51
CA LEU A 42 -3.43 8.47 5.19
C LEU A 42 -4.57 8.42 6.22
N GLU A 43 -5.53 7.52 6.01
CA GLU A 43 -6.64 7.33 6.97
C GLU A 43 -6.17 6.51 8.16
N GLY A 44 -5.05 5.83 7.99
CA GLY A 44 -4.55 4.96 9.03
C GLY A 44 -4.92 3.52 8.74
N ARG A 45 -5.46 3.29 7.55
CA ARG A 45 -5.85 1.97 7.10
C ARG A 45 -4.62 1.06 7.10
N ILE A 46 -3.53 1.63 6.64
CA ILE A 46 -2.27 0.93 6.57
C ILE A 46 -1.32 1.48 7.62
N GLN A 47 -1.14 0.75 8.69
CA GLN A 47 -0.27 1.16 9.77
C GLN A 47 1.19 0.89 9.41
N VAL A 48 2.06 1.73 9.92
CA VAL A 48 3.48 1.59 9.66
C VAL A 48 4.21 1.10 10.90
N PRO A 49 4.61 -0.17 10.91
CA PRO A 49 5.38 -0.74 12.01
C PRO A 49 6.78 -0.16 12.03
N PHE A 50 7.07 0.64 13.04
CA PHE A 50 8.36 1.28 13.16
C PHE A 50 9.40 0.28 13.66
N PRO A 51 10.70 0.54 13.37
CA PRO A 51 11.78 -0.33 13.83
C PRO A 51 11.70 -0.59 15.33
N THR A 52 11.63 -1.84 15.70
CA THR A 52 11.50 -2.21 17.08
C THR A 52 12.27 -3.52 17.35
N SER A 1 0.58 -12.92 -4.25
CA SER A 1 -0.13 -11.75 -4.77
C SER A 1 0.00 -11.68 -6.29
N ASN A 2 -1.08 -11.30 -6.95
CA ASN A 2 -1.13 -11.18 -8.41
C ASN A 2 -0.10 -10.17 -8.90
N SER A 3 0.43 -10.41 -10.10
CA SER A 3 1.45 -9.54 -10.69
C SER A 3 0.97 -8.09 -10.83
N GLN A 4 -0.33 -7.91 -11.03
CA GLN A 4 -0.91 -6.58 -11.15
C GLN A 4 -0.72 -5.78 -9.87
N LEU A 5 -0.77 -6.49 -8.74
CA LEU A 5 -0.64 -5.85 -7.44
C LEU A 5 0.77 -5.32 -7.25
N ASN A 6 1.74 -6.05 -7.77
CA ASN A 6 3.15 -5.66 -7.67
C ASN A 6 3.37 -4.29 -8.28
N ALA A 7 2.91 -4.11 -9.51
CA ALA A 7 3.06 -2.85 -10.21
C ALA A 7 2.37 -1.72 -9.45
N MET A 8 1.18 -2.00 -8.94
CA MET A 8 0.42 -0.99 -8.22
C MET A 8 1.08 -0.61 -6.90
N ALA A 9 1.38 -1.61 -6.07
CA ALA A 9 2.00 -1.39 -4.78
C ALA A 9 3.37 -0.74 -4.94
N HIS A 10 4.08 -1.15 -5.98
CA HIS A 10 5.41 -0.63 -6.27
C HIS A 10 5.36 0.89 -6.47
N GLN A 11 4.37 1.36 -7.23
CA GLN A 11 4.23 2.79 -7.49
C GLN A 11 3.96 3.55 -6.21
N ILE A 12 3.06 3.03 -5.39
CA ILE A 12 2.74 3.68 -4.12
C ILE A 12 3.95 3.70 -3.21
N GLN A 13 4.63 2.56 -3.12
CA GLN A 13 5.81 2.43 -2.26
C GLN A 13 6.90 3.43 -2.70
N GLU A 14 7.01 3.62 -4.01
CA GLU A 14 7.97 4.57 -4.57
C GLU A 14 7.64 6.00 -4.13
N MET A 15 6.35 6.28 -3.97
CA MET A 15 5.90 7.60 -3.58
C MET A 15 5.81 7.71 -2.05
N PHE A 16 5.51 6.61 -1.39
CA PHE A 16 5.36 6.56 0.05
C PHE A 16 6.25 5.47 0.65
N PRO A 17 7.53 5.77 0.90
CA PRO A 17 8.48 4.82 1.48
C PRO A 17 8.11 4.43 2.91
N GLN A 18 7.29 5.25 3.53
CA GLN A 18 6.86 5.05 4.91
C GLN A 18 6.03 3.78 5.09
N VAL A 19 5.48 3.27 4.00
CA VAL A 19 4.66 2.07 4.07
C VAL A 19 5.32 0.90 3.32
N PRO A 20 5.58 -0.20 4.04
CA PRO A 20 6.18 -1.41 3.47
C PRO A 20 5.39 -1.95 2.28
N TYR A 21 6.13 -2.35 1.25
CA TYR A 21 5.57 -2.88 0.00
C TYR A 21 4.47 -3.92 0.23
N HIS A 22 4.70 -4.84 1.16
CA HIS A 22 3.74 -5.90 1.44
C HIS A 22 2.49 -5.35 2.13
N LEU A 23 2.66 -4.35 2.98
CA LEU A 23 1.54 -3.74 3.66
C LEU A 23 0.71 -2.94 2.67
N VAL A 24 1.35 -2.53 1.59
CA VAL A 24 0.66 -1.84 0.52
C VAL A 24 -0.18 -2.86 -0.26
N LEU A 25 0.46 -3.99 -0.59
CA LEU A 25 -0.20 -5.11 -1.27
C LEU A 25 -1.50 -5.50 -0.55
N GLN A 26 -1.45 -5.41 0.78
CA GLN A 26 -2.57 -5.72 1.63
C GLN A 26 -3.82 -4.93 1.22
N ASP A 27 -3.69 -3.61 1.15
CA ASP A 27 -4.82 -2.74 0.83
C ASP A 27 -5.22 -2.90 -0.63
N LEU A 28 -4.27 -3.29 -1.45
CA LEU A 28 -4.55 -3.49 -2.86
C LEU A 28 -5.38 -4.73 -3.07
N GLN A 29 -5.44 -5.57 -2.05
CA GLN A 29 -6.31 -6.72 -2.06
C GLN A 29 -7.67 -6.32 -1.54
N LEU A 30 -7.70 -5.22 -0.83
CA LEU A 30 -8.92 -4.72 -0.23
C LEU A 30 -9.65 -3.78 -1.19
N THR A 31 -8.93 -2.79 -1.70
CA THR A 31 -9.53 -1.79 -2.55
C THR A 31 -9.16 -1.99 -4.02
N ARG A 32 -7.96 -2.53 -4.26
CA ARG A 32 -7.46 -2.74 -5.62
C ARG A 32 -7.28 -1.41 -6.36
N SER A 33 -7.27 -0.33 -5.60
CA SER A 33 -7.13 1.00 -6.16
C SER A 33 -6.05 1.76 -5.44
N VAL A 34 -4.92 1.96 -6.10
CA VAL A 34 -3.80 2.68 -5.50
C VAL A 34 -4.20 4.09 -5.06
N GLU A 35 -5.16 4.69 -5.76
CA GLU A 35 -5.63 6.02 -5.43
C GLU A 35 -6.30 6.00 -4.06
N ILE A 36 -7.06 4.95 -3.80
CA ILE A 36 -7.71 4.78 -2.52
C ILE A 36 -6.67 4.37 -1.48
N THR A 37 -5.90 3.34 -1.80
CA THR A 37 -4.82 2.84 -0.96
C THR A 37 -3.94 3.97 -0.40
N THR A 38 -3.60 4.94 -1.26
CA THR A 38 -2.79 6.07 -0.82
C THR A 38 -3.54 6.89 0.24
N ASP A 39 -4.81 7.14 -0.02
CA ASP A 39 -5.64 7.89 0.93
C ASP A 39 -5.91 7.03 2.15
N ASN A 40 -6.03 5.73 1.90
CA ASN A 40 -6.22 4.74 2.93
C ASN A 40 -5.07 4.81 3.92
N ILE A 41 -3.84 4.88 3.40
CA ILE A 41 -2.65 5.05 4.22
C ILE A 41 -2.80 6.28 5.10
N LEU A 42 -3.23 7.37 4.46
CA LEU A 42 -3.38 8.66 5.09
C LEU A 42 -4.49 8.67 6.16
N GLU A 43 -5.45 7.78 6.03
CA GLU A 43 -6.53 7.68 7.01
C GLU A 43 -6.12 6.77 8.16
N GLY A 44 -5.03 6.05 7.98
CA GLY A 44 -4.58 5.14 8.99
C GLY A 44 -5.12 3.74 8.78
N ARG A 45 -5.56 3.47 7.55
CA ARG A 45 -6.07 2.15 7.20
C ARG A 45 -4.96 1.13 7.28
N ILE A 46 -3.79 1.56 6.88
CA ILE A 46 -2.61 0.72 6.89
C ILE A 46 -1.68 1.21 7.98
N GLN A 47 -1.16 0.28 8.77
CA GLN A 47 -0.28 0.63 9.87
C GLN A 47 1.09 1.07 9.37
N VAL A 48 1.30 2.37 9.38
CA VAL A 48 2.57 2.93 8.96
C VAL A 48 3.58 2.86 10.10
N PRO A 49 4.70 2.14 9.89
CA PRO A 49 5.74 1.98 10.89
C PRO A 49 6.50 3.28 11.15
N PHE A 50 6.77 3.54 12.41
CA PHE A 50 7.53 4.70 12.81
C PHE A 50 8.45 4.31 13.96
N PRO A 51 9.58 5.01 14.14
CA PRO A 51 10.52 4.73 15.24
C PRO A 51 9.82 4.79 16.60
N THR A 52 9.88 3.71 17.34
CA THR A 52 9.27 3.63 18.64
C THR A 52 9.72 2.36 19.39
N SER A 1 -4.23 -12.77 -10.39
CA SER A 1 -3.25 -11.89 -11.02
C SER A 1 -2.55 -11.00 -10.00
N ASN A 2 -1.48 -11.51 -9.40
CA ASN A 2 -0.76 -10.75 -8.39
C ASN A 2 0.28 -9.85 -9.05
N SER A 3 0.52 -10.06 -10.33
CA SER A 3 1.47 -9.26 -11.09
C SER A 3 1.05 -7.79 -11.05
N GLN A 4 -0.24 -7.56 -11.21
CA GLN A 4 -0.81 -6.23 -11.16
C GLN A 4 -0.62 -5.64 -9.77
N LEU A 5 -0.96 -6.44 -8.76
CA LEU A 5 -0.82 -6.04 -7.36
C LEU A 5 0.60 -5.63 -7.06
N ASN A 6 1.54 -6.44 -7.52
CA ASN A 6 2.97 -6.18 -7.36
C ASN A 6 3.31 -4.81 -7.91
N ALA A 7 2.87 -4.56 -9.13
CA ALA A 7 3.13 -3.31 -9.81
C ALA A 7 2.46 -2.13 -9.10
N MET A 8 1.19 -2.30 -8.74
CA MET A 8 0.42 -1.24 -8.10
C MET A 8 1.06 -0.84 -6.76
N ALA A 9 1.41 -1.83 -5.95
CA ALA A 9 2.02 -1.57 -4.66
C ALA A 9 3.35 -0.83 -4.84
N HIS A 10 4.07 -1.19 -5.90
CA HIS A 10 5.35 -0.55 -6.18
C HIS A 10 5.17 0.92 -6.50
N GLN A 11 4.18 1.23 -7.34
CA GLN A 11 3.93 2.61 -7.78
C GLN A 11 3.64 3.53 -6.61
N ILE A 12 2.93 3.04 -5.63
CA ILE A 12 2.65 3.82 -4.44
C ILE A 12 3.90 3.96 -3.60
N GLN A 13 4.62 2.86 -3.41
CA GLN A 13 5.85 2.85 -2.61
C GLN A 13 6.87 3.83 -3.15
N GLU A 14 6.84 4.02 -4.48
CA GLU A 14 7.72 4.96 -5.14
C GLU A 14 7.49 6.38 -4.61
N MET A 15 6.26 6.65 -4.20
CA MET A 15 5.90 7.95 -3.66
C MET A 15 5.87 7.91 -2.12
N PHE A 16 5.43 6.78 -1.58
CA PHE A 16 5.29 6.59 -0.14
C PHE A 16 6.15 5.42 0.37
N PRO A 17 7.43 5.67 0.65
CA PRO A 17 8.34 4.64 1.17
C PRO A 17 8.08 4.33 2.65
N GLN A 18 7.32 5.22 3.31
CA GLN A 18 6.99 5.07 4.72
C GLN A 18 6.14 3.83 4.99
N VAL A 19 5.39 3.41 4.00
CA VAL A 19 4.52 2.26 4.16
C VAL A 19 5.16 1.01 3.57
N PRO A 20 5.35 -0.04 4.41
CA PRO A 20 5.94 -1.30 3.98
C PRO A 20 5.21 -1.91 2.78
N TYR A 21 6.01 -2.36 1.81
CA TYR A 21 5.50 -2.91 0.55
C TYR A 21 4.39 -3.97 0.74
N HIS A 22 4.59 -4.91 1.63
CA HIS A 22 3.61 -5.98 1.87
C HIS A 22 2.31 -5.42 2.42
N LEU A 23 2.40 -4.38 3.22
CA LEU A 23 1.22 -3.76 3.78
C LEU A 23 0.48 -2.99 2.70
N VAL A 24 1.22 -2.56 1.69
CA VAL A 24 0.62 -1.87 0.55
C VAL A 24 -0.14 -2.89 -0.29
N LEU A 25 0.51 -4.03 -0.52
CA LEU A 25 -0.09 -5.16 -1.25
C LEU A 25 -1.43 -5.53 -0.64
N GLN A 26 -1.47 -5.56 0.69
CA GLN A 26 -2.66 -5.92 1.41
C GLN A 26 -3.85 -5.06 1.00
N ASP A 27 -3.71 -3.75 1.14
CA ASP A 27 -4.79 -2.82 0.83
C ASP A 27 -5.16 -2.88 -0.65
N LEU A 28 -4.18 -3.15 -1.48
CA LEU A 28 -4.40 -3.22 -2.91
C LEU A 28 -5.24 -4.43 -3.27
N GLN A 29 -5.23 -5.43 -2.42
CA GLN A 29 -6.06 -6.58 -2.64
C GLN A 29 -7.44 -6.32 -2.07
N LEU A 30 -7.51 -5.36 -1.16
CA LEU A 30 -8.74 -4.99 -0.50
C LEU A 30 -9.51 -3.96 -1.32
N THR A 31 -8.84 -2.91 -1.76
CA THR A 31 -9.48 -1.84 -2.52
C THR A 31 -9.21 -1.99 -4.01
N ARG A 32 -8.04 -2.54 -4.35
CA ARG A 32 -7.63 -2.71 -5.75
C ARG A 32 -7.51 -1.36 -6.45
N SER A 33 -7.32 -0.32 -5.65
CA SER A 33 -7.20 1.04 -6.15
C SER A 33 -6.07 1.76 -5.44
N VAL A 34 -4.95 1.96 -6.15
CA VAL A 34 -3.81 2.65 -5.57
C VAL A 34 -4.19 4.05 -5.09
N GLU A 35 -5.15 4.66 -5.75
CA GLU A 35 -5.63 5.97 -5.38
C GLU A 35 -6.25 5.93 -4.00
N ILE A 36 -7.10 4.95 -3.77
CA ILE A 36 -7.73 4.78 -2.48
C ILE A 36 -6.68 4.38 -1.46
N THR A 37 -5.91 3.35 -1.77
CA THR A 37 -4.82 2.86 -0.92
C THR A 37 -3.94 3.99 -0.37
N THR A 38 -3.55 4.92 -1.23
CA THR A 38 -2.72 6.04 -0.80
C THR A 38 -3.47 6.88 0.24
N ASP A 39 -4.72 7.17 -0.05
CA ASP A 39 -5.57 7.93 0.86
C ASP A 39 -5.84 7.09 2.10
N ASN A 40 -5.99 5.81 1.87
CA ASN A 40 -6.19 4.83 2.91
C ASN A 40 -5.05 4.89 3.92
N ILE A 41 -3.81 4.88 3.41
CA ILE A 41 -2.62 5.01 4.25
C ILE A 41 -2.73 6.26 5.10
N LEU A 42 -3.13 7.35 4.44
CA LEU A 42 -3.26 8.65 5.05
C LEU A 42 -4.36 8.68 6.12
N GLU A 43 -5.42 7.91 5.92
CA GLU A 43 -6.51 7.83 6.90
C GLU A 43 -6.07 7.02 8.11
N GLY A 44 -5.04 6.23 7.92
CA GLY A 44 -4.57 5.36 8.97
C GLY A 44 -5.09 3.95 8.79
N ARG A 45 -5.48 3.64 7.56
CA ARG A 45 -5.99 2.33 7.21
C ARG A 45 -4.89 1.29 7.33
N ILE A 46 -3.70 1.66 6.89
CA ILE A 46 -2.54 0.79 6.97
C ILE A 46 -1.62 1.28 8.08
N GLN A 47 -1.50 0.48 9.12
CA GLN A 47 -0.65 0.83 10.25
C GLN A 47 0.41 -0.24 10.47
N VAL A 48 1.50 0.15 11.09
CA VAL A 48 2.59 -0.76 11.37
C VAL A 48 2.77 -0.93 12.87
N PRO A 49 2.50 -2.12 13.41
CA PRO A 49 2.66 -2.39 14.84
C PRO A 49 4.13 -2.49 15.22
N PHE A 50 4.60 -1.54 16.00
CA PHE A 50 5.99 -1.53 16.44
C PHE A 50 6.08 -2.09 17.84
N PRO A 51 7.18 -2.78 18.17
CA PRO A 51 7.38 -3.34 19.51
C PRO A 51 7.26 -2.26 20.57
N THR A 52 6.33 -2.45 21.47
CA THR A 52 6.07 -1.49 22.52
C THR A 52 5.45 -2.18 23.73
N SER A 1 -4.87 -11.65 -15.16
CA SER A 1 -3.57 -11.20 -14.66
C SER A 1 -3.75 -10.43 -13.35
N ASN A 2 -3.02 -10.85 -12.32
CA ASN A 2 -3.08 -10.19 -11.03
C ASN A 2 -1.75 -9.51 -10.71
N SER A 3 -0.84 -9.54 -11.67
CA SER A 3 0.48 -8.95 -11.50
C SER A 3 0.41 -7.43 -11.34
N GLN A 4 -0.74 -6.85 -11.72
CA GLN A 4 -0.93 -5.40 -11.60
C GLN A 4 -0.77 -4.94 -10.16
N LEU A 5 -1.04 -5.84 -9.20
CA LEU A 5 -0.90 -5.52 -7.79
C LEU A 5 0.51 -5.09 -7.47
N ASN A 6 1.47 -5.75 -8.11
CA ASN A 6 2.88 -5.47 -7.90
C ASN A 6 3.20 -4.04 -8.29
N ALA A 7 2.79 -3.65 -9.49
CA ALA A 7 3.03 -2.31 -10.00
C ALA A 7 2.30 -1.26 -9.16
N MET A 8 1.02 -1.51 -8.86
CA MET A 8 0.22 -0.57 -8.09
C MET A 8 0.86 -0.33 -6.72
N ALA A 9 1.24 -1.40 -6.05
CA ALA A 9 1.89 -1.29 -4.75
C ALA A 9 3.27 -0.68 -4.88
N HIS A 10 3.92 -0.97 -6.01
CA HIS A 10 5.26 -0.47 -6.29
C HIS A 10 5.26 1.05 -6.32
N GLN A 11 4.39 1.64 -7.14
CA GLN A 11 4.30 3.10 -7.27
C GLN A 11 4.03 3.76 -5.93
N ILE A 12 3.18 3.14 -5.13
CA ILE A 12 2.84 3.67 -3.81
C ILE A 12 4.05 3.60 -2.89
N GLN A 13 4.70 2.46 -2.85
CA GLN A 13 5.88 2.26 -2.01
C GLN A 13 7.00 3.24 -2.42
N GLU A 14 7.07 3.53 -3.71
CA GLU A 14 8.02 4.48 -4.25
C GLU A 14 7.79 5.87 -3.67
N MET A 15 6.52 6.19 -3.42
CA MET A 15 6.15 7.47 -2.87
C MET A 15 6.18 7.47 -1.35
N PHE A 16 5.72 6.37 -0.77
CA PHE A 16 5.60 6.25 0.66
C PHE A 16 6.48 5.13 1.21
N PRO A 17 7.76 5.43 1.51
CA PRO A 17 8.69 4.44 2.08
C PRO A 17 8.26 4.00 3.48
N GLN A 18 7.38 4.78 4.09
CA GLN A 18 6.88 4.51 5.44
C GLN A 18 6.04 3.24 5.51
N VAL A 19 5.40 2.89 4.40
CA VAL A 19 4.55 1.72 4.38
C VAL A 19 5.23 0.53 3.67
N PRO A 20 5.32 -0.63 4.35
CA PRO A 20 5.92 -1.85 3.78
C PRO A 20 5.20 -2.29 2.51
N TYR A 21 6.00 -2.71 1.53
CA TYR A 21 5.52 -3.12 0.21
C TYR A 21 4.40 -4.16 0.31
N HIS A 22 4.57 -5.13 1.18
CA HIS A 22 3.60 -6.21 1.33
C HIS A 22 2.31 -5.71 1.96
N LEU A 23 2.42 -4.75 2.87
CA LEU A 23 1.21 -4.20 3.50
C LEU A 23 0.43 -3.41 2.48
N VAL A 24 1.12 -2.88 1.48
CA VAL A 24 0.48 -2.18 0.40
C VAL A 24 -0.25 -3.19 -0.47
N LEU A 25 0.47 -4.22 -0.90
CA LEU A 25 -0.08 -5.33 -1.69
C LEU A 25 -1.35 -5.87 -1.04
N GLN A 26 -1.33 -5.95 0.28
CA GLN A 26 -2.45 -6.42 1.06
C GLN A 26 -3.71 -5.60 0.78
N ASP A 27 -3.58 -4.28 0.88
CA ASP A 27 -4.71 -3.36 0.68
C ASP A 27 -5.17 -3.36 -0.77
N LEU A 28 -4.24 -3.61 -1.67
CA LEU A 28 -4.55 -3.62 -3.10
C LEU A 28 -5.43 -4.79 -3.44
N GLN A 29 -5.45 -5.78 -2.59
CA GLN A 29 -6.33 -6.91 -2.77
C GLN A 29 -7.66 -6.63 -2.09
N LEU A 30 -7.65 -5.69 -1.16
CA LEU A 30 -8.83 -5.32 -0.42
C LEU A 30 -9.62 -4.25 -1.16
N THR A 31 -8.94 -3.20 -1.57
CA THR A 31 -9.58 -2.10 -2.26
C THR A 31 -9.44 -2.23 -3.77
N ARG A 32 -8.34 -2.88 -4.21
CA ARG A 32 -8.06 -3.06 -5.63
C ARG A 32 -7.80 -1.73 -6.31
N SER A 33 -7.53 -0.70 -5.51
CA SER A 33 -7.32 0.63 -6.03
C SER A 33 -6.14 1.30 -5.36
N VAL A 34 -5.05 1.45 -6.10
CA VAL A 34 -3.86 2.14 -5.59
C VAL A 34 -4.22 3.55 -5.11
N GLU A 35 -5.17 4.18 -5.79
CA GLU A 35 -5.63 5.50 -5.41
C GLU A 35 -6.24 5.49 -4.02
N ILE A 36 -7.06 4.48 -3.74
CA ILE A 36 -7.66 4.36 -2.42
C ILE A 36 -6.59 4.00 -1.42
N THR A 37 -5.83 2.95 -1.71
CA THR A 37 -4.72 2.49 -0.89
C THR A 37 -3.82 3.66 -0.43
N THR A 38 -3.48 4.56 -1.35
CA THR A 38 -2.64 5.71 -1.00
C THR A 38 -3.35 6.60 0.01
N ASP A 39 -4.63 6.87 -0.23
CA ASP A 39 -5.44 7.68 0.68
C ASP A 39 -5.66 6.91 1.96
N ASN A 40 -5.80 5.61 1.82
CA ASN A 40 -5.96 4.70 2.92
C ASN A 40 -4.80 4.84 3.89
N ILE A 41 -3.58 4.79 3.35
CA ILE A 41 -2.37 4.96 4.15
C ILE A 41 -2.39 6.32 4.87
N LEU A 42 -2.70 7.35 4.10
CA LEU A 42 -2.73 8.73 4.61
C LEU A 42 -3.73 8.89 5.76
N GLU A 43 -4.89 8.27 5.62
CA GLU A 43 -5.93 8.33 6.66
C GLU A 43 -5.53 7.53 7.89
N GLY A 44 -4.61 6.61 7.71
CA GLY A 44 -4.19 5.77 8.81
C GLY A 44 -4.87 4.42 8.78
N ARG A 45 -5.37 4.05 7.62
CA ARG A 45 -6.03 2.77 7.42
C ARG A 45 -5.02 1.65 7.52
N ILE A 46 -3.86 1.91 6.95
CA ILE A 46 -2.78 0.95 6.97
C ILE A 46 -1.77 1.36 8.02
N GLN A 47 -1.58 0.52 9.00
CA GLN A 47 -0.67 0.78 10.09
C GLN A 47 0.77 0.72 9.63
N VAL A 48 1.44 1.85 9.67
CA VAL A 48 2.83 1.91 9.31
C VAL A 48 3.69 1.53 10.51
N PRO A 49 4.85 0.92 10.30
CA PRO A 49 5.73 0.52 11.36
C PRO A 49 6.61 1.68 11.81
N PHE A 50 7.14 1.57 13.00
CA PHE A 50 8.00 2.57 13.55
C PHE A 50 9.32 1.94 13.94
N PRO A 51 10.42 2.72 14.02
CA PRO A 51 11.72 2.21 14.43
C PRO A 51 11.63 1.56 15.80
N THR A 52 11.98 0.29 15.86
CA THR A 52 11.92 -0.46 17.09
C THR A 52 12.94 -1.58 17.08
N SER A 1 -2.79 -12.52 -10.97
CA SER A 1 -3.39 -12.01 -9.73
C SER A 1 -2.31 -11.48 -8.78
N ASN A 2 -1.12 -11.24 -9.30
CA ASN A 2 -0.03 -10.75 -8.47
C ASN A 2 0.78 -9.68 -9.21
N SER A 3 1.15 -9.96 -10.46
CA SER A 3 1.96 -9.05 -11.25
C SER A 3 1.37 -7.64 -11.29
N GLN A 4 0.07 -7.54 -11.55
CA GLN A 4 -0.59 -6.23 -11.61
C GLN A 4 -0.60 -5.56 -10.25
N LEU A 5 -0.97 -6.32 -9.21
CA LEU A 5 -1.04 -5.78 -7.86
C LEU A 5 0.33 -5.29 -7.40
N ASN A 6 1.35 -6.09 -7.68
CA ASN A 6 2.71 -5.74 -7.32
C ASN A 6 3.15 -4.45 -8.01
N ALA A 7 2.81 -4.32 -9.28
CA ALA A 7 3.17 -3.14 -10.05
C ALA A 7 2.43 -1.92 -9.52
N MET A 8 1.15 -2.08 -9.17
CA MET A 8 0.35 -1.00 -8.64
C MET A 8 0.91 -0.53 -7.30
N ALA A 9 1.16 -1.49 -6.41
CA ALA A 9 1.71 -1.20 -5.10
C ALA A 9 3.09 -0.58 -5.24
N HIS A 10 3.81 -1.00 -6.27
CA HIS A 10 5.14 -0.49 -6.55
C HIS A 10 5.10 1.02 -6.73
N GLN A 11 4.09 1.50 -7.43
CA GLN A 11 3.95 2.94 -7.70
C GLN A 11 3.71 3.69 -6.40
N ILE A 12 2.83 3.16 -5.57
CA ILE A 12 2.54 3.78 -4.29
C ILE A 12 3.80 3.80 -3.42
N GLN A 13 4.51 2.68 -3.41
CA GLN A 13 5.73 2.55 -2.63
C GLN A 13 6.78 3.55 -3.09
N GLU A 14 6.77 3.87 -4.38
CA GLU A 14 7.69 4.84 -4.95
C GLU A 14 7.37 6.23 -4.42
N MET A 15 6.11 6.48 -4.13
CA MET A 15 5.68 7.76 -3.62
C MET A 15 5.76 7.80 -2.10
N PHE A 16 5.42 6.70 -1.47
CA PHE A 16 5.39 6.62 -0.01
C PHE A 16 6.27 5.47 0.51
N PRO A 17 7.58 5.70 0.64
CA PRO A 17 8.51 4.71 1.18
C PRO A 17 8.36 4.57 2.71
N GLN A 18 7.49 5.38 3.27
CA GLN A 18 7.24 5.39 4.71
C GLN A 18 6.43 4.17 5.17
N VAL A 19 5.80 3.49 4.22
CA VAL A 19 4.98 2.32 4.55
C VAL A 19 5.66 1.03 4.07
N PRO A 20 5.23 -0.11 4.62
CA PRO A 20 5.74 -1.43 4.24
C PRO A 20 5.13 -1.92 2.93
N TYR A 21 5.93 -2.64 2.17
CA TYR A 21 5.53 -3.10 0.85
C TYR A 21 4.44 -4.18 0.91
N HIS A 22 4.56 -5.11 1.86
CA HIS A 22 3.59 -6.23 1.96
C HIS A 22 2.21 -5.71 2.29
N LEU A 23 2.14 -4.69 3.13
CA LEU A 23 0.86 -4.16 3.56
C LEU A 23 0.13 -3.50 2.41
N VAL A 24 0.87 -2.81 1.56
CA VAL A 24 0.30 -2.17 0.39
C VAL A 24 -0.24 -3.24 -0.55
N LEU A 25 0.60 -4.26 -0.80
CA LEU A 25 0.23 -5.40 -1.63
C LEU A 25 -1.04 -6.06 -1.13
N GLN A 26 -1.14 -6.19 0.19
CA GLN A 26 -2.31 -6.76 0.81
C GLN A 26 -3.54 -5.92 0.55
N ASP A 27 -3.44 -4.62 0.81
CA ASP A 27 -4.56 -3.70 0.65
C ASP A 27 -5.04 -3.64 -0.78
N LEU A 28 -4.17 -3.91 -1.72
CA LEU A 28 -4.53 -3.89 -3.12
C LEU A 28 -5.52 -5.01 -3.47
N GLN A 29 -5.64 -6.00 -2.59
CA GLN A 29 -6.66 -7.03 -2.74
C GLN A 29 -7.94 -6.59 -2.04
N LEU A 30 -7.76 -5.73 -1.04
CA LEU A 30 -8.84 -5.23 -0.22
C LEU A 30 -9.56 -4.08 -0.92
N THR A 31 -8.81 -3.07 -1.35
CA THR A 31 -9.39 -1.91 -1.99
C THR A 31 -9.29 -2.03 -3.50
N ARG A 32 -8.20 -2.63 -3.97
CA ARG A 32 -7.94 -2.81 -5.39
C ARG A 32 -7.85 -1.47 -6.11
N SER A 33 -7.59 -0.42 -5.34
CA SER A 33 -7.52 0.91 -5.88
C SER A 33 -6.35 1.64 -5.27
N VAL A 34 -5.27 1.83 -6.03
CA VAL A 34 -4.09 2.51 -5.53
C VAL A 34 -4.43 3.90 -5.01
N GLU A 35 -5.46 4.50 -5.60
CA GLU A 35 -5.93 5.80 -5.18
C GLU A 35 -6.36 5.74 -3.72
N ILE A 36 -7.15 4.72 -3.38
CA ILE A 36 -7.59 4.52 -2.02
C ILE A 36 -6.43 4.04 -1.18
N THR A 37 -5.68 3.08 -1.70
CA THR A 37 -4.55 2.52 -1.00
C THR A 37 -3.51 3.58 -0.59
N THR A 38 -3.51 4.70 -1.28
CA THR A 38 -2.61 5.79 -0.91
C THR A 38 -3.34 6.75 0.02
N ASP A 39 -4.62 6.96 -0.25
CA ASP A 39 -5.44 7.86 0.54
C ASP A 39 -5.73 7.26 1.91
N ASN A 40 -5.93 5.95 1.94
CA ASN A 40 -6.20 5.25 3.17
C ASN A 40 -5.01 5.39 4.13
N ILE A 41 -3.81 5.44 3.57
CA ILE A 41 -2.59 5.67 4.34
C ILE A 41 -2.64 7.06 4.96
N LEU A 42 -2.93 8.03 4.11
CA LEU A 42 -2.98 9.44 4.48
C LEU A 42 -4.01 9.71 5.58
N GLU A 43 -5.08 8.92 5.60
CA GLU A 43 -6.10 9.07 6.65
C GLU A 43 -5.57 8.53 7.98
N GLY A 44 -4.51 7.74 7.91
CA GLY A 44 -3.95 7.15 9.10
C GLY A 44 -4.53 5.77 9.35
N ARG A 45 -5.14 5.21 8.31
CA ARG A 45 -5.75 3.90 8.38
C ARG A 45 -4.67 2.83 8.41
N ILE A 46 -3.60 3.06 7.68
CA ILE A 46 -2.50 2.13 7.64
C ILE A 46 -1.30 2.70 8.37
N GLN A 47 -1.05 2.18 9.55
CA GLN A 47 0.04 2.63 10.36
C GLN A 47 1.24 1.72 10.18
N VAL A 48 2.40 2.24 10.52
CA VAL A 48 3.64 1.48 10.43
C VAL A 48 3.71 0.50 11.59
N PRO A 49 3.84 -0.81 11.30
CA PRO A 49 3.92 -1.85 12.33
C PRO A 49 5.18 -1.71 13.18
N PHE A 50 5.11 -2.19 14.39
CA PHE A 50 6.22 -2.11 15.32
C PHE A 50 6.82 -3.49 15.55
N PRO A 51 8.08 -3.58 16.03
CA PRO A 51 8.72 -4.86 16.33
C PRO A 51 7.91 -5.68 17.32
N THR A 52 7.56 -6.88 16.93
CA THR A 52 6.74 -7.74 17.76
C THR A 52 6.94 -9.21 17.37
N SER A 1 -3.80 -11.40 -12.34
CA SER A 1 -2.36 -11.63 -12.19
C SER A 1 -1.82 -10.85 -11.00
N ASN A 2 -1.17 -11.55 -10.08
CA ASN A 2 -0.61 -10.94 -8.87
C ASN A 2 0.49 -9.94 -9.24
N SER A 3 1.10 -10.15 -10.40
CA SER A 3 2.16 -9.26 -10.89
C SER A 3 1.65 -7.82 -11.01
N GLN A 4 0.36 -7.66 -11.34
CA GLN A 4 -0.25 -6.36 -11.46
C GLN A 4 -0.40 -5.73 -10.10
N LEU A 5 -0.77 -6.55 -9.12
CA LEU A 5 -0.90 -6.11 -7.74
C LEU A 5 0.43 -5.60 -7.23
N ASN A 6 1.49 -6.32 -7.57
CA ASN A 6 2.84 -5.92 -7.19
C ASN A 6 3.14 -4.55 -7.77
N ALA A 7 2.82 -4.38 -9.05
CA ALA A 7 3.06 -3.12 -9.74
C ALA A 7 2.29 -1.97 -9.10
N MET A 8 1.02 -2.20 -8.79
CA MET A 8 0.19 -1.19 -8.18
C MET A 8 0.76 -0.75 -6.83
N ALA A 9 1.15 -1.73 -6.01
CA ALA A 9 1.74 -1.45 -4.71
C ALA A 9 3.11 -0.80 -4.87
N HIS A 10 3.83 -1.21 -5.91
CA HIS A 10 5.15 -0.71 -6.22
C HIS A 10 5.15 0.79 -6.43
N GLN A 11 4.21 1.28 -7.22
CA GLN A 11 4.13 2.71 -7.53
C GLN A 11 3.66 3.54 -6.35
N ILE A 12 2.93 2.93 -5.43
CA ILE A 12 2.53 3.63 -4.22
C ILE A 12 3.74 3.82 -3.32
N GLN A 13 4.57 2.79 -3.20
CA GLN A 13 5.78 2.86 -2.38
C GLN A 13 6.77 3.86 -2.99
N GLU A 14 6.61 4.13 -4.27
CA GLU A 14 7.45 5.11 -4.95
C GLU A 14 7.08 6.50 -4.48
N MET A 15 5.88 6.64 -3.95
CA MET A 15 5.40 7.90 -3.40
C MET A 15 5.58 7.88 -1.89
N PHE A 16 5.36 6.71 -1.29
CA PHE A 16 5.45 6.53 0.14
C PHE A 16 6.40 5.39 0.51
N PRO A 17 7.70 5.66 0.54
CA PRO A 17 8.70 4.67 0.94
C PRO A 17 8.65 4.42 2.44
N GLN A 18 7.92 5.28 3.13
CA GLN A 18 7.77 5.21 4.57
C GLN A 18 6.88 4.04 5.01
N VAL A 19 6.16 3.44 4.07
CA VAL A 19 5.27 2.36 4.39
C VAL A 19 5.81 1.02 3.89
N PRO A 20 5.34 -0.10 4.47
CA PRO A 20 5.73 -1.44 4.08
C PRO A 20 5.02 -1.89 2.82
N TYR A 21 5.73 -2.64 2.00
CA TYR A 21 5.21 -3.13 0.73
C TYR A 21 4.03 -4.08 0.95
N HIS A 22 4.16 -4.95 1.97
CA HIS A 22 3.12 -5.96 2.28
C HIS A 22 1.76 -5.33 2.47
N LEU A 23 1.69 -4.34 3.34
CA LEU A 23 0.43 -3.73 3.74
C LEU A 23 -0.23 -3.06 2.55
N VAL A 24 0.58 -2.43 1.71
CA VAL A 24 0.07 -1.77 0.53
C VAL A 24 -0.49 -2.80 -0.44
N LEU A 25 0.34 -3.79 -0.77
CA LEU A 25 -0.03 -4.88 -1.69
C LEU A 25 -1.31 -5.55 -1.21
N GLN A 26 -1.38 -5.77 0.10
CA GLN A 26 -2.53 -6.38 0.72
C GLN A 26 -3.81 -5.64 0.38
N ASP A 27 -3.84 -4.34 0.65
CA ASP A 27 -5.04 -3.55 0.41
C ASP A 27 -5.37 -3.48 -1.07
N LEU A 28 -4.37 -3.58 -1.89
CA LEU A 28 -4.56 -3.55 -3.33
C LEU A 28 -5.35 -4.76 -3.81
N GLN A 29 -5.30 -5.83 -3.05
CA GLN A 29 -6.07 -7.01 -3.38
C GLN A 29 -7.48 -6.86 -2.85
N LEU A 30 -7.62 -5.98 -1.88
CA LEU A 30 -8.88 -5.68 -1.24
C LEU A 30 -9.66 -4.61 -2.00
N THR A 31 -8.99 -3.49 -2.28
CA THR A 31 -9.65 -2.37 -2.94
C THR A 31 -9.33 -2.32 -4.43
N ARG A 32 -8.12 -2.77 -4.79
CA ARG A 32 -7.64 -2.70 -6.17
C ARG A 32 -7.54 -1.26 -6.64
N SER A 33 -7.51 -0.35 -5.69
CA SER A 33 -7.44 1.04 -6.00
C SER A 33 -6.28 1.67 -5.29
N VAL A 34 -5.19 1.90 -6.02
CA VAL A 34 -4.03 2.56 -5.45
C VAL A 34 -4.41 3.94 -4.91
N GLU A 35 -5.47 4.52 -5.46
CA GLU A 35 -5.97 5.80 -4.99
C GLU A 35 -6.47 5.67 -3.57
N ILE A 36 -7.29 4.64 -3.34
CA ILE A 36 -7.81 4.38 -2.00
C ILE A 36 -6.68 3.98 -1.08
N THR A 37 -5.96 2.93 -1.44
CA THR A 37 -4.82 2.43 -0.66
C THR A 37 -3.89 3.56 -0.18
N THR A 38 -3.55 4.50 -1.06
CA THR A 38 -2.68 5.60 -0.69
C THR A 38 -3.38 6.55 0.29
N ASP A 39 -4.63 6.87 -0.01
CA ASP A 39 -5.44 7.73 0.85
C ASP A 39 -5.71 7.01 2.17
N ASN A 40 -5.84 5.70 2.05
CA ASN A 40 -6.04 4.79 3.16
C ASN A 40 -4.91 4.97 4.16
N ILE A 41 -3.69 4.99 3.63
CA ILE A 41 -2.50 5.20 4.43
C ILE A 41 -2.59 6.56 5.13
N LEU A 42 -2.90 7.57 4.35
CA LEU A 42 -2.98 8.95 4.81
C LEU A 42 -4.10 9.18 5.83
N GLU A 43 -5.11 8.32 5.82
CA GLU A 43 -6.20 8.42 6.80
C GLU A 43 -5.79 7.74 8.11
N GLY A 44 -4.61 7.15 8.11
CA GLY A 44 -4.14 6.45 9.29
C GLY A 44 -4.73 5.07 9.38
N ARG A 45 -5.25 4.59 8.25
CA ARG A 45 -5.84 3.27 8.19
C ARG A 45 -4.73 2.22 8.20
N ILE A 46 -3.65 2.53 7.52
CA ILE A 46 -2.53 1.63 7.43
C ILE A 46 -1.40 2.12 8.33
N GLN A 47 -1.22 1.43 9.44
CA GLN A 47 -0.18 1.78 10.39
C GLN A 47 1.15 1.24 9.91
N VAL A 48 2.20 2.01 10.10
CA VAL A 48 3.52 1.60 9.70
C VAL A 48 4.29 0.95 10.86
N PRO A 49 4.55 -0.37 10.76
CA PRO A 49 5.31 -1.09 11.76
C PRO A 49 6.81 -0.85 11.63
N PHE A 50 7.54 -1.17 12.66
CA PHE A 50 8.98 -1.01 12.67
C PHE A 50 9.63 -2.34 13.01
N PRO A 51 10.74 -2.70 12.32
CA PRO A 51 11.44 -3.96 12.54
C PRO A 51 11.81 -4.15 14.01
N THR A 52 11.30 -5.23 14.59
CA THR A 52 11.51 -5.57 15.99
C THR A 52 10.99 -6.98 16.24
N SER A 1 0.11 -12.60 -4.55
CA SER A 1 0.64 -11.40 -5.21
C SER A 1 0.50 -11.52 -6.72
N ASN A 2 -0.51 -10.86 -7.27
CA ASN A 2 -0.75 -10.88 -8.72
C ASN A 2 0.17 -9.89 -9.41
N SER A 3 0.53 -10.18 -10.65
CA SER A 3 1.47 -9.36 -11.42
C SER A 3 1.11 -7.87 -11.40
N GLN A 4 -0.12 -7.53 -11.74
CA GLN A 4 -0.52 -6.13 -11.80
C GLN A 4 -0.59 -5.51 -10.41
N LEU A 5 -0.90 -6.33 -9.40
CA LEU A 5 -0.96 -5.85 -8.04
C LEU A 5 0.43 -5.49 -7.55
N ASN A 6 1.38 -6.35 -7.88
CA ASN A 6 2.78 -6.13 -7.55
C ASN A 6 3.26 -4.83 -8.17
N ALA A 7 2.86 -4.62 -9.41
CA ALA A 7 3.21 -3.41 -10.12
C ALA A 7 2.63 -2.20 -9.41
N MET A 8 1.32 -2.21 -9.18
CA MET A 8 0.64 -1.09 -8.53
C MET A 8 1.22 -0.79 -7.16
N ALA A 9 1.51 -1.84 -6.39
CA ALA A 9 2.08 -1.70 -5.08
C ALA A 9 3.42 -0.97 -5.13
N HIS A 10 4.16 -1.18 -6.22
CA HIS A 10 5.45 -0.52 -6.41
C HIS A 10 5.29 0.98 -6.60
N GLN A 11 4.29 1.38 -7.39
CA GLN A 11 4.04 2.81 -7.64
C GLN A 11 3.81 3.55 -6.32
N ILE A 12 2.98 2.96 -5.46
CA ILE A 12 2.71 3.57 -4.17
C ILE A 12 3.96 3.57 -3.31
N GLN A 13 4.71 2.47 -3.34
CA GLN A 13 5.95 2.36 -2.56
C GLN A 13 6.97 3.41 -3.01
N GLU A 14 6.92 3.74 -4.29
CA GLU A 14 7.80 4.75 -4.85
C GLU A 14 7.41 6.14 -4.39
N MET A 15 6.14 6.31 -4.05
CA MET A 15 5.65 7.58 -3.57
C MET A 15 5.71 7.63 -2.05
N PHE A 16 5.44 6.48 -1.43
CA PHE A 16 5.43 6.36 0.01
C PHE A 16 6.42 5.28 0.47
N PRO A 17 7.72 5.60 0.49
CA PRO A 17 8.76 4.67 0.95
C PRO A 17 8.68 4.50 2.47
N GLN A 18 7.93 5.37 3.08
CA GLN A 18 7.75 5.39 4.52
C GLN A 18 6.82 4.27 4.99
N VAL A 19 6.08 3.68 4.07
CA VAL A 19 5.18 2.61 4.39
C VAL A 19 5.71 1.28 3.86
N PRO A 20 5.28 0.15 4.44
CA PRO A 20 5.73 -1.17 4.03
C PRO A 20 5.07 -1.61 2.74
N TYR A 21 5.89 -2.07 1.81
CA TYR A 21 5.43 -2.55 0.51
C TYR A 21 4.44 -3.71 0.66
N HIS A 22 4.70 -4.59 1.63
CA HIS A 22 3.84 -5.75 1.86
C HIS A 22 2.41 -5.33 2.07
N LEU A 23 2.19 -4.45 3.03
CA LEU A 23 0.86 -4.00 3.40
C LEU A 23 0.17 -3.30 2.24
N VAL A 24 0.95 -2.62 1.43
CA VAL A 24 0.43 -1.95 0.25
C VAL A 24 -0.16 -2.98 -0.71
N LEU A 25 0.67 -3.94 -1.12
CA LEU A 25 0.25 -5.00 -2.03
C LEU A 25 -0.94 -5.73 -1.44
N GLN A 26 -0.85 -6.03 -0.16
CA GLN A 26 -1.91 -6.70 0.57
C GLN A 26 -3.24 -5.94 0.46
N ASP A 27 -3.19 -4.63 0.61
CA ASP A 27 -4.40 -3.81 0.57
C ASP A 27 -4.92 -3.68 -0.85
N LEU A 28 -4.05 -3.86 -1.83
CA LEU A 28 -4.46 -3.81 -3.22
C LEU A 28 -5.42 -4.96 -3.56
N GLN A 29 -5.47 -5.95 -2.69
CA GLN A 29 -6.44 -7.03 -2.81
C GLN A 29 -7.73 -6.63 -2.10
N LEU A 30 -7.59 -5.76 -1.11
CA LEU A 30 -8.70 -5.29 -0.30
C LEU A 30 -9.45 -4.16 -1.00
N THR A 31 -8.73 -3.12 -1.41
CA THR A 31 -9.35 -1.97 -2.02
C THR A 31 -9.23 -2.01 -3.54
N ARG A 32 -8.15 -2.64 -4.02
CA ARG A 32 -7.87 -2.75 -5.46
C ARG A 32 -7.73 -1.37 -6.11
N SER A 33 -7.43 -0.38 -5.30
CA SER A 33 -7.30 0.98 -5.77
C SER A 33 -6.11 1.64 -5.15
N VAL A 34 -5.07 1.87 -5.95
CA VAL A 34 -3.87 2.52 -5.43
C VAL A 34 -4.20 3.91 -4.89
N GLU A 35 -5.25 4.52 -5.45
CA GLU A 35 -5.70 5.82 -5.00
C GLU A 35 -6.19 5.71 -3.57
N ILE A 36 -7.05 4.72 -3.31
CA ILE A 36 -7.55 4.50 -1.97
C ILE A 36 -6.43 3.97 -1.08
N THR A 37 -5.69 3.00 -1.59
CA THR A 37 -4.60 2.37 -0.84
C THR A 37 -3.58 3.40 -0.31
N THR A 38 -3.43 4.51 -0.99
CA THR A 38 -2.52 5.54 -0.54
C THR A 38 -3.24 6.52 0.37
N ASP A 39 -4.46 6.86 -0.01
CA ASP A 39 -5.25 7.82 0.75
C ASP A 39 -5.73 7.20 2.05
N ASN A 40 -5.97 5.90 2.03
CA ASN A 40 -6.42 5.18 3.20
C ASN A 40 -5.32 5.23 4.28
N ILE A 41 -4.07 5.19 3.84
CA ILE A 41 -2.93 5.30 4.74
C ILE A 41 -2.94 6.67 5.39
N LEU A 42 -3.15 7.68 4.56
CA LEU A 42 -3.16 9.07 4.99
C LEU A 42 -4.28 9.35 5.99
N GLU A 43 -5.34 8.54 5.94
CA GLU A 43 -6.45 8.68 6.88
C GLU A 43 -6.20 7.88 8.15
N GLY A 44 -5.11 7.14 8.16
CA GLY A 44 -4.79 6.32 9.32
C GLY A 44 -5.55 5.02 9.33
N ARG A 45 -6.06 4.63 8.17
CA ARG A 45 -6.81 3.40 8.02
C ARG A 45 -5.90 2.20 8.18
N ILE A 46 -4.70 2.32 7.65
CA ILE A 46 -3.73 1.26 7.71
C ILE A 46 -2.56 1.65 8.59
N GLN A 47 -2.61 1.17 9.82
CA GLN A 47 -1.58 1.46 10.79
C GLN A 47 -1.45 0.25 11.70
N VAL A 48 -0.40 -0.54 11.50
CA VAL A 48 -0.16 -1.70 12.31
C VAL A 48 1.31 -1.83 12.63
N PRO A 49 1.67 -2.43 13.77
CA PRO A 49 3.07 -2.64 14.14
C PRO A 49 3.74 -3.65 13.21
N PHE A 50 4.62 -3.15 12.36
CA PHE A 50 5.33 -3.98 11.41
C PHE A 50 6.81 -4.02 11.74
N PRO A 51 7.52 -5.09 11.32
CA PRO A 51 8.97 -5.21 11.53
C PRO A 51 9.72 -4.03 10.92
N THR A 52 10.53 -3.38 11.73
CA THR A 52 11.26 -2.23 11.28
C THR A 52 12.63 -2.19 11.96
N SER A 1 -1.09 -14.40 -9.44
CA SER A 1 -1.98 -13.27 -9.74
C SER A 1 -1.54 -12.01 -8.99
N ASN A 2 -0.30 -12.00 -8.51
CA ASN A 2 0.22 -10.87 -7.74
C ASN A 2 1.01 -9.90 -8.61
N SER A 3 1.23 -10.28 -9.87
CA SER A 3 1.99 -9.43 -10.79
C SER A 3 1.35 -8.06 -10.92
N GLN A 4 0.04 -8.05 -11.13
CA GLN A 4 -0.71 -6.80 -11.25
C GLN A 4 -0.68 -6.03 -9.94
N LEU A 5 -0.83 -6.75 -8.84
CA LEU A 5 -0.81 -6.16 -7.50
C LEU A 5 0.53 -5.49 -7.23
N ASN A 6 1.61 -6.22 -7.49
CA ASN A 6 2.96 -5.70 -7.30
C ASN A 6 3.17 -4.46 -8.14
N ALA A 7 2.63 -4.49 -9.36
CA ALA A 7 2.73 -3.37 -10.27
C ALA A 7 1.99 -2.16 -9.72
N MET A 8 0.77 -2.38 -9.25
CA MET A 8 -0.05 -1.30 -8.72
C MET A 8 0.61 -0.62 -7.52
N ALA A 9 0.94 -1.41 -6.52
CA ALA A 9 1.54 -0.88 -5.29
C ALA A 9 2.93 -0.30 -5.55
N HIS A 10 3.54 -0.70 -6.66
CA HIS A 10 4.87 -0.24 -7.04
C HIS A 10 4.93 1.28 -7.17
N GLN A 11 3.87 1.91 -7.70
CA GLN A 11 3.84 3.37 -7.86
C GLN A 11 3.49 4.06 -6.57
N ILE A 12 2.92 3.33 -5.64
CA ILE A 12 2.61 3.89 -4.34
C ILE A 12 3.85 3.95 -3.48
N GLN A 13 4.65 2.88 -3.52
CA GLN A 13 5.87 2.80 -2.73
C GLN A 13 6.85 3.90 -3.09
N GLU A 14 6.99 4.16 -4.37
CA GLU A 14 7.90 5.20 -4.84
C GLU A 14 7.46 6.59 -4.35
N MET A 15 6.20 6.70 -3.98
CA MET A 15 5.67 7.94 -3.43
C MET A 15 5.74 7.91 -1.92
N PHE A 16 5.41 6.77 -1.35
CA PHE A 16 5.39 6.61 0.10
C PHE A 16 6.21 5.40 0.56
N PRO A 17 7.56 5.53 0.54
CA PRO A 17 8.46 4.47 0.99
C PRO A 17 8.47 4.35 2.51
N GLN A 18 7.78 5.28 3.15
CA GLN A 18 7.68 5.34 4.60
C GLN A 18 6.88 4.16 5.17
N VAL A 19 6.02 3.58 4.35
CA VAL A 19 5.21 2.47 4.80
C VAL A 19 5.70 1.15 4.18
N PRO A 20 5.36 0.02 4.80
CA PRO A 20 5.75 -1.30 4.32
C PRO A 20 5.01 -1.69 3.06
N TYR A 21 5.78 -2.02 2.04
CA TYR A 21 5.25 -2.39 0.73
C TYR A 21 4.23 -3.52 0.80
N HIS A 22 4.47 -4.49 1.70
CA HIS A 22 3.56 -5.63 1.83
C HIS A 22 2.19 -5.23 2.37
N LEU A 23 2.15 -4.17 3.19
CA LEU A 23 0.88 -3.71 3.73
C LEU A 23 0.12 -2.96 2.66
N VAL A 24 0.86 -2.41 1.72
CA VAL A 24 0.27 -1.72 0.60
C VAL A 24 -0.36 -2.76 -0.31
N LEU A 25 0.40 -3.83 -0.54
CA LEU A 25 -0.08 -4.97 -1.32
C LEU A 25 -1.34 -5.55 -0.68
N GLN A 26 -1.35 -5.58 0.65
CA GLN A 26 -2.51 -6.04 1.40
C GLN A 26 -3.75 -5.24 1.04
N ASP A 27 -3.66 -3.91 1.17
CA ASP A 27 -4.81 -3.04 0.88
C ASP A 27 -5.19 -3.11 -0.59
N LEU A 28 -4.21 -3.34 -1.45
CA LEU A 28 -4.48 -3.46 -2.87
C LEU A 28 -5.29 -4.72 -3.17
N GLN A 29 -5.26 -5.68 -2.27
CA GLN A 29 -6.09 -6.85 -2.39
C GLN A 29 -7.48 -6.53 -1.89
N LEU A 30 -7.53 -5.62 -0.93
CA LEU A 30 -8.77 -5.17 -0.30
C LEU A 30 -9.53 -4.21 -1.20
N THR A 31 -8.89 -3.13 -1.59
CA THR A 31 -9.54 -2.10 -2.36
C THR A 31 -9.30 -2.26 -3.85
N ARG A 32 -8.13 -2.82 -4.21
CA ARG A 32 -7.74 -3.00 -5.60
C ARG A 32 -7.70 -1.66 -6.33
N SER A 33 -7.49 -0.59 -5.55
CA SER A 33 -7.43 0.74 -6.09
C SER A 33 -6.29 1.50 -5.43
N VAL A 34 -5.18 1.66 -6.16
CA VAL A 34 -4.03 2.38 -5.63
C VAL A 34 -4.42 3.80 -5.20
N GLU A 35 -5.43 4.35 -5.87
CA GLU A 35 -5.93 5.67 -5.55
C GLU A 35 -6.48 5.69 -4.14
N ILE A 36 -7.29 4.69 -3.82
CA ILE A 36 -7.85 4.59 -2.48
C ILE A 36 -6.75 4.25 -1.50
N THR A 37 -6.00 3.20 -1.80
CA THR A 37 -4.87 2.75 -0.98
C THR A 37 -3.96 3.90 -0.55
N THR A 38 -3.63 4.81 -1.47
CA THR A 38 -2.76 5.93 -1.13
C THR A 38 -3.42 6.83 -0.09
N ASP A 39 -4.69 7.12 -0.30
CA ASP A 39 -5.47 7.92 0.65
C ASP A 39 -5.67 7.12 1.92
N ASN A 40 -5.86 5.82 1.74
CA ASN A 40 -6.01 4.87 2.82
C ASN A 40 -4.82 4.97 3.77
N ILE A 41 -3.62 4.95 3.19
CA ILE A 41 -2.38 5.10 3.97
C ILE A 41 -2.43 6.37 4.79
N LEU A 42 -2.79 7.45 4.13
CA LEU A 42 -2.86 8.77 4.73
C LEU A 42 -3.93 8.86 5.82
N GLU A 43 -5.01 8.11 5.65
CA GLU A 43 -6.09 8.05 6.64
C GLU A 43 -5.67 7.21 7.84
N GLY A 44 -4.63 6.41 7.65
CA GLY A 44 -4.16 5.55 8.70
C GLY A 44 -4.69 4.14 8.59
N ARG A 45 -5.04 3.76 7.36
CA ARG A 45 -5.51 2.41 7.09
C ARG A 45 -4.34 1.45 7.15
N ILE A 46 -3.20 1.93 6.69
CA ILE A 46 -1.97 1.16 6.71
C ILE A 46 -1.12 1.64 7.88
N GLN A 47 -1.12 0.86 8.94
CA GLN A 47 -0.34 1.18 10.13
C GLN A 47 1.08 0.63 9.99
N VAL A 48 2.05 1.52 10.08
CA VAL A 48 3.45 1.12 9.97
C VAL A 48 3.91 0.39 11.25
N PRO A 49 4.32 -0.88 11.12
CA PRO A 49 4.83 -1.66 12.24
C PRO A 49 6.19 -1.15 12.70
N PHE A 50 6.19 -0.41 13.78
CA PHE A 50 7.40 0.15 14.31
C PHE A 50 7.76 -0.53 15.62
N PRO A 51 9.06 -0.53 16.01
CA PRO A 51 9.50 -1.11 17.28
C PRO A 51 8.71 -0.54 18.44
N THR A 52 8.06 -1.41 19.18
CA THR A 52 7.22 -1.00 20.27
C THR A 52 7.26 -2.03 21.39
N SER A 1 2.41 -13.74 -8.56
CA SER A 1 1.89 -13.16 -7.31
C SER A 1 1.23 -11.80 -7.57
N ASN A 2 0.14 -11.82 -8.36
CA ASN A 2 -0.61 -10.60 -8.70
C ASN A 2 0.30 -9.51 -9.25
N SER A 3 0.69 -9.65 -10.52
CA SER A 3 1.60 -8.72 -11.16
C SER A 3 1.04 -7.30 -11.20
N GLN A 4 -0.26 -7.17 -11.48
CA GLN A 4 -0.89 -5.87 -11.59
C GLN A 4 -0.93 -5.17 -10.23
N LEU A 5 -1.35 -5.90 -9.21
CA LEU A 5 -1.42 -5.35 -7.85
C LEU A 5 -0.03 -5.00 -7.34
N ASN A 6 0.92 -5.88 -7.62
CA ASN A 6 2.30 -5.69 -7.18
C ASN A 6 2.88 -4.43 -7.80
N ALA A 7 2.55 -4.19 -9.06
CA ALA A 7 3.02 -3.01 -9.77
C ALA A 7 2.47 -1.74 -9.16
N MET A 8 1.19 -1.75 -8.82
CA MET A 8 0.56 -0.59 -8.19
C MET A 8 1.19 -0.30 -6.85
N ALA A 9 1.36 -1.34 -6.03
CA ALA A 9 1.97 -1.20 -4.73
C ALA A 9 3.42 -0.71 -4.85
N HIS A 10 4.07 -1.13 -5.93
CA HIS A 10 5.44 -0.74 -6.21
C HIS A 10 5.54 0.77 -6.38
N GLN A 11 4.54 1.35 -7.02
CA GLN A 11 4.53 2.78 -7.27
C GLN A 11 4.14 3.53 -6.01
N ILE A 12 3.30 2.91 -5.20
CA ILE A 12 2.91 3.52 -3.95
C ILE A 12 4.09 3.61 -3.00
N GLN A 13 4.94 2.58 -2.99
CA GLN A 13 6.14 2.61 -2.16
C GLN A 13 7.14 3.62 -2.69
N GLU A 14 7.04 3.93 -3.97
CA GLU A 14 7.91 4.92 -4.57
C GLU A 14 7.49 6.32 -4.17
N MET A 15 6.20 6.48 -3.90
CA MET A 15 5.67 7.74 -3.45
C MET A 15 5.76 7.83 -1.93
N PHE A 16 5.49 6.70 -1.29
CA PHE A 16 5.52 6.61 0.16
C PHE A 16 6.41 5.45 0.62
N PRO A 17 7.74 5.63 0.57
CA PRO A 17 8.71 4.59 1.00
C PRO A 17 8.57 4.27 2.48
N GLN A 18 7.91 5.14 3.20
CA GLN A 18 7.70 4.98 4.65
C GLN A 18 6.74 3.83 4.97
N VAL A 19 5.93 3.42 4.01
CA VAL A 19 4.93 2.39 4.25
C VAL A 19 5.44 0.98 3.91
N PRO A 20 4.83 -0.05 4.52
CA PRO A 20 5.20 -1.45 4.27
C PRO A 20 4.61 -1.97 2.97
N TYR A 21 5.48 -2.44 2.11
CA TYR A 21 5.11 -2.95 0.78
C TYR A 21 4.03 -4.04 0.88
N HIS A 22 4.19 -4.93 1.84
CA HIS A 22 3.29 -6.05 2.02
C HIS A 22 1.89 -5.61 2.41
N LEU A 23 1.79 -4.66 3.34
CA LEU A 23 0.49 -4.18 3.77
C LEU A 23 -0.19 -3.43 2.64
N VAL A 24 0.62 -2.82 1.79
CA VAL A 24 0.09 -2.13 0.62
C VAL A 24 -0.50 -3.16 -0.33
N LEU A 25 0.27 -4.22 -0.58
CA LEU A 25 -0.18 -5.35 -1.39
C LEU A 25 -1.50 -5.88 -0.87
N GLN A 26 -1.62 -5.93 0.45
CA GLN A 26 -2.82 -6.40 1.10
C GLN A 26 -4.00 -5.52 0.78
N ASP A 27 -3.86 -4.21 0.97
CA ASP A 27 -4.95 -3.28 0.69
C ASP A 27 -5.32 -3.31 -0.78
N LEU A 28 -4.36 -3.61 -1.63
CA LEU A 28 -4.61 -3.70 -3.06
C LEU A 28 -5.38 -4.96 -3.39
N GLN A 29 -5.38 -5.90 -2.46
CA GLN A 29 -6.17 -7.10 -2.59
C GLN A 29 -7.58 -6.82 -2.10
N LEU A 30 -7.70 -5.78 -1.28
CA LEU A 30 -8.95 -5.41 -0.67
C LEU A 30 -9.69 -4.37 -1.51
N THR A 31 -9.02 -3.26 -1.78
CA THR A 31 -9.63 -2.17 -2.51
C THR A 31 -9.32 -2.26 -3.99
N ARG A 32 -8.15 -2.83 -4.30
CA ARG A 32 -7.67 -2.97 -5.67
C ARG A 32 -7.51 -1.61 -6.34
N SER A 33 -7.41 -0.57 -5.52
CA SER A 33 -7.30 0.77 -6.04
C SER A 33 -6.15 1.50 -5.36
N VAL A 34 -5.06 1.70 -6.09
CA VAL A 34 -3.91 2.43 -5.56
C VAL A 34 -4.31 3.81 -5.07
N GLU A 35 -5.26 4.44 -5.76
CA GLU A 35 -5.78 5.74 -5.36
C GLU A 35 -6.30 5.67 -3.94
N ILE A 36 -7.15 4.68 -3.69
CA ILE A 36 -7.73 4.50 -2.37
C ILE A 36 -6.65 4.10 -1.39
N THR A 37 -5.91 3.06 -1.71
CA THR A 37 -4.80 2.57 -0.90
C THR A 37 -3.88 3.70 -0.42
N THR A 38 -3.55 4.62 -1.31
CA THR A 38 -2.67 5.72 -0.94
C THR A 38 -3.34 6.64 0.07
N ASP A 39 -4.60 6.95 -0.17
CA ASP A 39 -5.37 7.80 0.74
C ASP A 39 -5.67 7.01 2.00
N ASN A 40 -5.82 5.70 1.82
CA ASN A 40 -6.03 4.76 2.90
C ASN A 40 -4.89 4.86 3.90
N ILE A 41 -3.68 4.84 3.38
CA ILE A 41 -2.48 5.02 4.20
C ILE A 41 -2.58 6.30 5.00
N LEU A 42 -2.93 7.37 4.30
CA LEU A 42 -3.02 8.70 4.86
C LEU A 42 -4.16 8.82 5.88
N GLU A 43 -5.11 7.89 5.84
CA GLU A 43 -6.20 7.86 6.81
C GLU A 43 -5.84 6.98 8.00
N GLY A 44 -4.64 6.41 7.96
CA GLY A 44 -4.20 5.53 9.02
C GLY A 44 -4.74 4.13 8.88
N ARG A 45 -5.20 3.80 7.68
CA ARG A 45 -5.75 2.47 7.40
C ARG A 45 -4.64 1.44 7.42
N ILE A 46 -3.48 1.85 6.95
CA ILE A 46 -2.33 0.99 6.89
C ILE A 46 -1.29 1.45 7.89
N GLN A 47 -1.03 0.61 8.88
CA GLN A 47 -0.07 0.94 9.93
C GLN A 47 1.35 0.95 9.38
N VAL A 48 1.97 2.10 9.43
CA VAL A 48 3.33 2.25 8.98
C VAL A 48 4.31 1.89 10.09
N PRO A 49 5.53 1.45 9.74
CA PRO A 49 6.53 1.07 10.73
C PRO A 49 7.08 2.29 11.47
N PHE A 50 7.80 2.04 12.52
CA PHE A 50 8.40 3.09 13.31
C PHE A 50 9.87 3.20 12.95
N PRO A 51 10.42 4.43 12.99
CA PRO A 51 11.83 4.69 12.65
C PRO A 51 12.78 3.70 13.32
N THR A 52 13.55 3.01 12.51
CA THR A 52 14.47 2.02 13.01
C THR A 52 15.73 1.95 12.12
N SER A 1 -2.35 -14.44 -7.07
CA SER A 1 -1.49 -14.76 -8.22
C SER A 1 -1.50 -13.62 -9.26
N ASN A 2 -2.02 -12.46 -8.86
CA ASN A 2 -2.07 -11.30 -9.74
C ASN A 2 -0.80 -10.49 -9.60
N SER A 3 0.12 -10.69 -10.51
CA SER A 3 1.41 -10.02 -10.48
C SER A 3 1.30 -8.55 -10.86
N GLN A 4 0.19 -8.17 -11.46
CA GLN A 4 -0.03 -6.78 -11.89
C GLN A 4 -0.14 -5.87 -10.66
N LEU A 5 -0.54 -6.44 -9.52
CA LEU A 5 -0.67 -5.68 -8.27
C LEU A 5 0.68 -5.12 -7.84
N ASN A 6 1.75 -5.82 -8.21
CA ASN A 6 3.10 -5.41 -7.86
C ASN A 6 3.39 -4.02 -8.37
N ALA A 7 2.99 -3.75 -9.60
CA ALA A 7 3.20 -2.46 -10.21
C ALA A 7 2.39 -1.39 -9.50
N MET A 8 1.15 -1.73 -9.15
CA MET A 8 0.25 -0.84 -8.45
C MET A 8 0.84 -0.42 -7.11
N ALA A 9 1.22 -1.40 -6.31
CA ALA A 9 1.82 -1.14 -5.01
C ALA A 9 3.16 -0.44 -5.15
N HIS A 10 3.87 -0.77 -6.22
CA HIS A 10 5.16 -0.18 -6.50
C HIS A 10 5.06 1.32 -6.65
N GLN A 11 4.05 1.79 -7.39
CA GLN A 11 3.87 3.22 -7.61
C GLN A 11 3.60 3.97 -6.31
N ILE A 12 2.81 3.36 -5.44
CA ILE A 12 2.50 3.96 -4.15
C ILE A 12 3.74 3.99 -3.26
N GLN A 13 4.45 2.87 -3.21
CA GLN A 13 5.65 2.76 -2.37
C GLN A 13 6.74 3.70 -2.85
N GLU A 14 6.71 4.03 -4.13
CA GLU A 14 7.66 4.96 -4.72
C GLU A 14 7.37 6.39 -4.25
N MET A 15 6.11 6.67 -3.98
CA MET A 15 5.70 7.97 -3.48
C MET A 15 5.80 7.99 -1.97
N PHE A 16 5.35 6.90 -1.35
CA PHE A 16 5.33 6.77 0.08
C PHE A 16 6.13 5.56 0.53
N PRO A 17 7.45 5.71 0.67
CA PRO A 17 8.33 4.62 1.13
C PRO A 17 8.16 4.35 2.63
N GLN A 18 7.36 5.18 3.26
CA GLN A 18 7.07 5.07 4.69
C GLN A 18 6.27 3.79 5.00
N VAL A 19 5.50 3.34 4.04
CA VAL A 19 4.65 2.17 4.23
C VAL A 19 5.32 0.91 3.62
N PRO A 20 5.33 -0.21 4.37
CA PRO A 20 5.91 -1.48 3.91
C PRO A 20 5.25 -2.01 2.64
N TYR A 21 6.08 -2.34 1.68
CA TYR A 21 5.67 -2.81 0.34
C TYR A 21 4.65 -3.96 0.42
N HIS A 22 4.91 -4.94 1.28
CA HIS A 22 4.03 -6.13 1.38
C HIS A 22 2.64 -5.74 1.86
N LEU A 23 2.58 -4.79 2.79
CA LEU A 23 1.31 -4.37 3.34
C LEU A 23 0.53 -3.54 2.34
N VAL A 24 1.25 -2.79 1.51
CA VAL A 24 0.62 -2.04 0.43
C VAL A 24 -0.06 -3.02 -0.49
N LEU A 25 0.67 -4.07 -0.86
CA LEU A 25 0.17 -5.15 -1.69
C LEU A 25 -1.07 -5.79 -1.07
N GLN A 26 -1.12 -5.80 0.25
CA GLN A 26 -2.25 -6.34 0.96
C GLN A 26 -3.49 -5.48 0.75
N ASP A 27 -3.35 -4.17 0.90
CA ASP A 27 -4.48 -3.24 0.72
C ASP A 27 -4.93 -3.23 -0.72
N LEU A 28 -4.02 -3.52 -1.63
CA LEU A 28 -4.35 -3.57 -3.04
C LEU A 28 -5.22 -4.78 -3.39
N GLN A 29 -5.24 -5.76 -2.51
CA GLN A 29 -6.14 -6.90 -2.67
C GLN A 29 -7.44 -6.59 -1.96
N LEU A 30 -7.34 -5.66 -1.07
CA LEU A 30 -8.41 -5.23 -0.23
C LEU A 30 -9.28 -4.19 -0.93
N THR A 31 -8.64 -3.16 -1.47
CA THR A 31 -9.35 -2.10 -2.15
C THR A 31 -9.21 -2.22 -3.65
N ARG A 32 -8.04 -2.69 -4.10
CA ARG A 32 -7.74 -2.86 -5.52
C ARG A 32 -7.68 -1.51 -6.24
N SER A 33 -7.47 -0.46 -5.47
CA SER A 33 -7.39 0.88 -6.00
C SER A 33 -6.25 1.63 -5.34
N VAL A 34 -5.19 1.92 -6.10
CA VAL A 34 -4.04 2.61 -5.55
C VAL A 34 -4.41 3.99 -5.00
N GLU A 35 -5.42 4.60 -5.61
CA GLU A 35 -5.90 5.89 -5.16
C GLU A 35 -6.47 5.78 -3.76
N ILE A 36 -7.22 4.71 -3.52
CA ILE A 36 -7.77 4.47 -2.19
C ILE A 36 -6.66 4.12 -1.24
N THR A 37 -5.86 3.12 -1.62
CA THR A 37 -4.71 2.66 -0.83
C THR A 37 -3.83 3.83 -0.36
N THR A 38 -3.51 4.76 -1.26
CA THR A 38 -2.70 5.90 -0.89
C THR A 38 -3.44 6.78 0.12
N ASP A 39 -4.71 7.06 -0.17
CA ASP A 39 -5.56 7.84 0.73
C ASP A 39 -5.70 7.08 2.05
N ASN A 40 -5.81 5.79 1.92
CA ASN A 40 -5.91 4.87 3.02
C ASN A 40 -4.73 5.06 3.97
N ILE A 41 -3.52 5.04 3.42
CA ILE A 41 -2.31 5.26 4.19
C ILE A 41 -2.40 6.59 4.93
N LEU A 42 -2.77 7.61 4.19
CA LEU A 42 -2.85 8.97 4.69
C LEU A 42 -3.89 9.13 5.80
N GLU A 43 -4.98 8.40 5.70
CA GLU A 43 -6.03 8.48 6.71
C GLU A 43 -5.76 7.54 7.88
N GLY A 44 -4.64 6.86 7.84
CA GLY A 44 -4.27 5.97 8.94
C GLY A 44 -4.94 4.62 8.85
N ARG A 45 -5.40 4.27 7.66
CA ARG A 45 -6.04 2.98 7.43
C ARG A 45 -5.03 1.87 7.56
N ILE A 46 -3.82 2.15 7.11
CA ILE A 46 -2.75 1.20 7.19
C ILE A 46 -1.78 1.63 8.27
N GLN A 47 -1.90 1.02 9.43
CA GLN A 47 -1.04 1.35 10.54
C GLN A 47 0.00 0.26 10.72
N VAL A 48 1.25 0.66 10.76
CA VAL A 48 2.33 -0.28 10.87
C VAL A 48 3.21 0.01 12.07
N PRO A 49 3.88 -1.02 12.61
CA PRO A 49 4.82 -0.85 13.71
C PRO A 49 6.11 -0.22 13.20
N PHE A 50 6.84 0.43 14.07
CA PHE A 50 8.06 1.10 13.66
C PHE A 50 9.27 0.29 14.07
N PRO A 51 10.13 -0.08 13.09
CA PRO A 51 11.34 -0.85 13.38
C PRO A 51 12.15 -0.17 14.47
N THR A 52 12.36 -0.89 15.55
CA THR A 52 13.02 -0.33 16.70
C THR A 52 13.82 -1.41 17.42
N SER A 1 -1.72 -14.85 -8.53
CA SER A 1 -0.75 -14.20 -9.43
C SER A 1 -0.25 -12.91 -8.81
N ASN A 2 -1.17 -11.95 -8.59
CA ASN A 2 -0.85 -10.67 -7.96
C ASN A 2 0.10 -9.84 -8.81
N SER A 3 0.11 -10.12 -10.11
CA SER A 3 0.99 -9.43 -11.05
C SER A 3 0.71 -7.93 -11.09
N GLN A 4 -0.56 -7.57 -11.15
CA GLN A 4 -0.96 -6.18 -11.18
C GLN A 4 -0.75 -5.54 -9.82
N LEU A 5 -1.05 -6.30 -8.77
CA LEU A 5 -0.89 -5.84 -7.39
C LEU A 5 0.54 -5.40 -7.13
N ASN A 6 1.50 -6.21 -7.58
CA ASN A 6 2.92 -5.91 -7.41
C ASN A 6 3.26 -4.54 -7.97
N ALA A 7 2.81 -4.30 -9.19
CA ALA A 7 3.07 -3.03 -9.86
C ALA A 7 2.36 -1.88 -9.16
N MET A 8 1.10 -2.09 -8.81
CA MET A 8 0.31 -1.06 -8.15
C MET A 8 0.97 -0.63 -6.84
N ALA A 9 1.37 -1.61 -6.03
CA ALA A 9 2.05 -1.32 -4.78
C ALA A 9 3.42 -0.71 -5.04
N HIS A 10 4.05 -1.13 -6.14
CA HIS A 10 5.35 -0.63 -6.54
C HIS A 10 5.30 0.89 -6.77
N GLN A 11 4.31 1.33 -7.54
CA GLN A 11 4.14 2.76 -7.82
C GLN A 11 3.93 3.56 -6.54
N ILE A 12 3.07 3.06 -5.65
CA ILE A 12 2.83 3.73 -4.39
C ILE A 12 4.11 3.76 -3.56
N GLN A 13 4.84 2.66 -3.53
CA GLN A 13 6.08 2.56 -2.77
C GLN A 13 7.10 3.58 -3.28
N GLU A 14 7.01 3.92 -4.56
CA GLU A 14 7.89 4.88 -5.17
C GLU A 14 7.58 6.30 -4.70
N MET A 15 6.33 6.51 -4.29
CA MET A 15 5.89 7.80 -3.80
C MET A 15 5.90 7.84 -2.27
N PHE A 16 5.51 6.72 -1.66
CA PHE A 16 5.44 6.59 -0.21
C PHE A 16 6.32 5.43 0.26
N PRO A 17 7.64 5.65 0.42
CA PRO A 17 8.57 4.61 0.89
C PRO A 17 8.43 4.36 2.39
N GLN A 18 7.64 5.21 3.05
CA GLN A 18 7.40 5.12 4.49
C GLN A 18 6.57 3.90 4.86
N VAL A 19 5.81 3.37 3.93
CA VAL A 19 4.94 2.25 4.22
C VAL A 19 5.52 0.94 3.66
N PRO A 20 5.51 -0.14 4.49
CA PRO A 20 5.98 -1.48 4.07
C PRO A 20 5.24 -2.00 2.83
N TYR A 21 6.02 -2.47 1.88
CA TYR A 21 5.53 -2.96 0.58
C TYR A 21 4.37 -3.96 0.73
N HIS A 22 4.53 -4.94 1.62
CA HIS A 22 3.49 -5.96 1.82
C HIS A 22 2.21 -5.38 2.43
N LEU A 23 2.35 -4.29 3.17
CA LEU A 23 1.19 -3.66 3.77
C LEU A 23 0.43 -2.89 2.73
N VAL A 24 1.15 -2.46 1.70
CA VAL A 24 0.53 -1.77 0.59
C VAL A 24 -0.24 -2.78 -0.23
N LEU A 25 0.46 -3.87 -0.58
CA LEU A 25 -0.13 -5.00 -1.31
C LEU A 25 -1.42 -5.48 -0.63
N GLN A 26 -1.42 -5.40 0.70
CA GLN A 26 -2.55 -5.79 1.50
C GLN A 26 -3.81 -5.02 1.09
N ASP A 27 -3.72 -3.70 1.12
CA ASP A 27 -4.89 -2.84 0.81
C ASP A 27 -5.25 -2.93 -0.67
N LEU A 28 -4.27 -3.18 -1.51
CA LEU A 28 -4.53 -3.33 -2.93
C LEU A 28 -5.42 -4.53 -3.20
N GLN A 29 -5.40 -5.48 -2.29
CA GLN A 29 -6.26 -6.64 -2.40
C GLN A 29 -7.63 -6.30 -1.83
N LEU A 30 -7.67 -5.26 -1.03
CA LEU A 30 -8.90 -4.77 -0.43
C LEU A 30 -9.63 -3.82 -1.37
N THR A 31 -8.95 -2.76 -1.81
CA THR A 31 -9.58 -1.74 -2.63
C THR A 31 -9.23 -1.88 -4.12
N ARG A 32 -8.05 -2.46 -4.40
CA ARG A 32 -7.57 -2.61 -5.78
C ARG A 32 -7.38 -1.25 -6.45
N SER A 33 -7.23 -0.21 -5.65
CA SER A 33 -7.06 1.13 -6.18
C SER A 33 -5.94 1.83 -5.44
N VAL A 34 -4.81 2.04 -6.12
CA VAL A 34 -3.68 2.73 -5.52
C VAL A 34 -4.08 4.12 -5.06
N GLU A 35 -5.06 4.71 -5.74
CA GLU A 35 -5.56 6.02 -5.41
C GLU A 35 -6.21 5.98 -4.02
N ILE A 36 -7.02 4.96 -3.79
CA ILE A 36 -7.66 4.81 -2.50
C ILE A 36 -6.64 4.36 -1.46
N THR A 37 -5.89 3.32 -1.78
CA THR A 37 -4.83 2.79 -0.92
C THR A 37 -3.95 3.90 -0.32
N THR A 38 -3.53 4.86 -1.14
CA THR A 38 -2.70 5.95 -0.66
C THR A 38 -3.45 6.78 0.38
N ASP A 39 -4.71 7.12 0.09
CA ASP A 39 -5.55 7.86 1.03
C ASP A 39 -5.84 6.98 2.23
N ASN A 40 -5.99 5.70 1.94
CA ASN A 40 -6.22 4.69 2.93
C ASN A 40 -5.08 4.69 3.96
N ILE A 41 -3.85 4.73 3.47
CA ILE A 41 -2.67 4.80 4.34
C ILE A 41 -2.77 6.04 5.24
N LEU A 42 -3.10 7.15 4.61
CA LEU A 42 -3.22 8.44 5.29
C LEU A 42 -4.30 8.42 6.38
N GLU A 43 -5.39 7.72 6.12
CA GLU A 43 -6.49 7.61 7.08
C GLU A 43 -6.16 6.60 8.20
N GLY A 44 -5.14 5.80 7.97
CA GLY A 44 -4.73 4.83 8.96
C GLY A 44 -5.26 3.44 8.68
N ARG A 45 -5.69 3.21 7.44
CA ARG A 45 -6.16 1.90 7.02
C ARG A 45 -5.00 0.92 7.09
N ILE A 46 -3.84 1.40 6.72
CA ILE A 46 -2.63 0.62 6.78
C ILE A 46 -1.82 1.08 7.99
N GLN A 47 -1.37 0.13 8.78
CA GLN A 47 -0.63 0.44 9.99
C GLN A 47 0.79 0.88 9.64
N VAL A 48 1.08 2.14 9.91
CA VAL A 48 2.39 2.69 9.64
C VAL A 48 3.41 2.15 10.62
N PRO A 49 4.71 2.22 10.26
CA PRO A 49 5.79 1.72 11.12
C PRO A 49 5.81 2.41 12.47
N PHE A 50 5.67 1.63 13.51
CA PHE A 50 5.68 2.12 14.86
C PHE A 50 6.62 1.24 15.68
N PRO A 51 7.47 1.84 16.53
CA PRO A 51 8.42 1.09 17.36
C PRO A 51 7.71 0.01 18.17
N THR A 52 8.14 -1.22 17.99
CA THR A 52 7.55 -2.34 18.66
C THR A 52 8.60 -3.44 18.83
N SER A 1 -4.23 -10.25 -12.20
CA SER A 1 -4.43 -9.09 -11.32
C SER A 1 -3.28 -8.98 -10.30
N ASN A 2 -2.79 -10.13 -9.82
CA ASN A 2 -1.74 -10.18 -8.80
C ASN A 2 -0.48 -9.45 -9.24
N SER A 3 -0.06 -9.69 -10.47
CA SER A 3 1.14 -9.05 -11.00
C SER A 3 0.96 -7.54 -11.07
N GLN A 4 -0.26 -7.10 -11.39
CA GLN A 4 -0.57 -5.69 -11.45
C GLN A 4 -0.54 -5.08 -10.05
N LEU A 5 -1.06 -5.83 -9.08
CA LEU A 5 -1.09 -5.38 -7.69
C LEU A 5 0.32 -5.05 -7.23
N ASN A 6 1.26 -5.93 -7.59
CA ASN A 6 2.66 -5.76 -7.21
C ASN A 6 3.25 -4.51 -7.84
N ALA A 7 2.88 -4.23 -9.08
CA ALA A 7 3.35 -3.04 -9.77
C ALA A 7 2.75 -1.79 -9.14
N MET A 8 1.48 -1.87 -8.78
CA MET A 8 0.78 -0.77 -8.15
C MET A 8 1.39 -0.44 -6.79
N ALA A 9 1.57 -1.49 -5.98
CA ALA A 9 2.17 -1.33 -4.65
C ALA A 9 3.56 -0.72 -4.76
N HIS A 10 4.33 -1.20 -5.74
CA HIS A 10 5.66 -0.70 -6.00
C HIS A 10 5.62 0.80 -6.27
N GLN A 11 4.65 1.22 -7.08
CA GLN A 11 4.51 2.62 -7.45
C GLN A 11 4.11 3.47 -6.24
N ILE A 12 3.27 2.94 -5.38
CA ILE A 12 2.88 3.64 -4.17
C ILE A 12 4.08 3.78 -3.23
N GLN A 13 4.84 2.69 -3.09
CA GLN A 13 6.02 2.67 -2.23
C GLN A 13 7.07 3.66 -2.72
N GLU A 14 7.04 3.95 -4.02
CA GLU A 14 7.93 4.92 -4.62
C GLU A 14 7.65 6.30 -4.03
N MET A 15 6.41 6.52 -3.65
CA MET A 15 6.00 7.79 -3.07
C MET A 15 6.00 7.71 -1.54
N PHE A 16 5.58 6.56 -1.04
CA PHE A 16 5.50 6.34 0.40
C PHE A 16 6.29 5.08 0.80
N PRO A 17 7.60 5.22 1.02
CA PRO A 17 8.46 4.09 1.42
C PRO A 17 8.25 3.68 2.88
N GLN A 18 7.53 4.50 3.63
CA GLN A 18 7.27 4.23 5.05
C GLN A 18 6.41 2.98 5.23
N VAL A 19 5.50 2.74 4.30
CA VAL A 19 4.58 1.63 4.40
C VAL A 19 5.18 0.38 3.75
N PRO A 20 5.26 -0.73 4.54
CA PRO A 20 5.79 -2.01 4.06
C PRO A 20 5.11 -2.50 2.80
N TYR A 21 5.91 -2.98 1.87
CA TYR A 21 5.47 -3.45 0.56
C TYR A 21 4.29 -4.43 0.67
N HIS A 22 4.38 -5.39 1.58
CA HIS A 22 3.31 -6.39 1.72
C HIS A 22 2.04 -5.79 2.31
N LEU A 23 2.18 -4.76 3.14
CA LEU A 23 1.01 -4.11 3.72
C LEU A 23 0.29 -3.31 2.66
N VAL A 24 1.04 -2.90 1.64
CA VAL A 24 0.45 -2.19 0.52
C VAL A 24 -0.30 -3.19 -0.35
N LEU A 25 0.36 -4.31 -0.62
CA LEU A 25 -0.23 -5.42 -1.38
C LEU A 25 -1.55 -5.85 -0.74
N GLN A 26 -1.54 -5.90 0.58
CA GLN A 26 -2.72 -6.26 1.35
C GLN A 26 -3.91 -5.39 0.96
N ASP A 27 -3.72 -4.08 1.02
CA ASP A 27 -4.81 -3.13 0.72
C ASP A 27 -5.20 -3.21 -0.75
N LEU A 28 -4.24 -3.48 -1.62
CA LEU A 28 -4.52 -3.58 -3.04
C LEU A 28 -5.33 -4.83 -3.32
N GLN A 29 -5.27 -5.78 -2.41
CA GLN A 29 -6.08 -6.97 -2.53
C GLN A 29 -7.48 -6.67 -2.01
N LEU A 30 -7.59 -5.61 -1.23
CA LEU A 30 -8.84 -5.22 -0.64
C LEU A 30 -9.56 -4.18 -1.52
N THR A 31 -8.88 -3.09 -1.82
CA THR A 31 -9.47 -2.00 -2.56
C THR A 31 -9.21 -2.13 -4.04
N ARG A 32 -8.00 -2.59 -4.39
CA ARG A 32 -7.57 -2.71 -5.77
C ARG A 32 -7.47 -1.33 -6.43
N SER A 33 -7.34 -0.30 -5.60
CA SER A 33 -7.26 1.05 -6.09
C SER A 33 -6.17 1.80 -5.35
N VAL A 34 -5.06 2.09 -6.03
CA VAL A 34 -3.97 2.80 -5.40
C VAL A 34 -4.39 4.19 -4.95
N GLU A 35 -5.39 4.75 -5.62
CA GLU A 35 -5.93 6.04 -5.25
C GLU A 35 -6.55 5.97 -3.87
N ILE A 36 -7.22 4.86 -3.60
CA ILE A 36 -7.79 4.63 -2.29
C ILE A 36 -6.69 4.26 -1.33
N THR A 37 -5.95 3.18 -1.66
CA THR A 37 -4.82 2.69 -0.87
C THR A 37 -3.90 3.82 -0.37
N THR A 38 -3.56 4.78 -1.22
CA THR A 38 -2.69 5.87 -0.80
C THR A 38 -3.39 6.73 0.26
N ASP A 39 -4.65 7.06 0.02
CA ASP A 39 -5.44 7.83 0.97
C ASP A 39 -5.68 6.97 2.20
N ASN A 40 -5.84 5.69 1.95
CA ASN A 40 -6.03 4.68 2.98
C ASN A 40 -4.87 4.71 3.96
N ILE A 41 -3.65 4.73 3.43
CA ILE A 41 -2.45 4.82 4.24
C ILE A 41 -2.52 6.07 5.12
N LEU A 42 -2.80 7.18 4.47
CA LEU A 42 -2.89 8.49 5.11
C LEU A 42 -4.02 8.56 6.14
N GLU A 43 -5.11 7.86 5.87
CA GLU A 43 -6.27 7.84 6.73
C GLU A 43 -6.01 6.97 7.96
N GLY A 44 -5.02 6.11 7.88
CA GLY A 44 -4.71 5.22 8.99
C GLY A 44 -5.31 3.85 8.79
N ARG A 45 -5.70 3.55 7.56
CA ARG A 45 -6.24 2.24 7.23
C ARG A 45 -5.13 1.22 7.29
N ILE A 46 -3.95 1.64 6.88
CA ILE A 46 -2.78 0.80 6.89
C ILE A 46 -1.80 1.31 7.94
N GLN A 47 -1.39 0.43 8.82
CA GLN A 47 -0.46 0.78 9.87
C GLN A 47 0.95 0.94 9.32
N VAL A 48 1.63 1.98 9.75
CA VAL A 48 3.00 2.19 9.36
C VAL A 48 3.92 1.90 10.54
N PRO A 49 4.56 0.72 10.53
CA PRO A 49 5.46 0.31 11.61
C PRO A 49 6.83 0.92 11.45
N PHE A 50 7.21 1.75 12.39
CA PHE A 50 8.52 2.36 12.38
C PHE A 50 9.51 1.43 13.06
N PRO A 51 10.81 1.51 12.71
CA PRO A 51 11.85 0.64 13.28
C PRO A 51 11.75 0.57 14.80
N THR A 52 11.61 -0.63 15.30
CA THR A 52 11.46 -0.85 16.71
C THR A 52 12.38 -1.98 17.18
N SER A 1 -1.17 -14.05 -10.96
CA SER A 1 -1.87 -12.98 -11.67
C SER A 1 -1.89 -11.67 -10.86
N ASN A 2 -0.93 -11.51 -9.96
CA ASN A 2 -0.86 -10.32 -9.12
C ASN A 2 0.05 -9.25 -9.71
N SER A 3 0.39 -9.40 -10.97
CA SER A 3 1.28 -8.48 -11.67
C SER A 3 0.75 -7.04 -11.61
N GLN A 4 -0.57 -6.88 -11.70
CA GLN A 4 -1.17 -5.56 -11.67
C GLN A 4 -1.10 -4.98 -10.25
N LEU A 5 -1.44 -5.80 -9.26
CA LEU A 5 -1.41 -5.37 -7.87
C LEU A 5 0.00 -4.99 -7.44
N ASN A 6 0.97 -5.83 -7.81
CA ASN A 6 2.37 -5.58 -7.47
C ASN A 6 2.85 -4.28 -8.11
N ALA A 7 2.41 -4.03 -9.33
CA ALA A 7 2.78 -2.82 -10.04
C ALA A 7 2.20 -1.59 -9.36
N MET A 8 0.92 -1.65 -9.02
CA MET A 8 0.25 -0.53 -8.36
C MET A 8 0.87 -0.25 -7.01
N ALA A 9 1.04 -1.30 -6.20
CA ALA A 9 1.63 -1.18 -4.88
C ALA A 9 3.05 -0.66 -4.97
N HIS A 10 3.75 -1.02 -6.04
CA HIS A 10 5.12 -0.59 -6.26
C HIS A 10 5.18 0.93 -6.33
N GLN A 11 4.22 1.52 -7.03
CA GLN A 11 4.21 2.97 -7.23
C GLN A 11 3.91 3.67 -5.93
N ILE A 12 3.10 3.05 -5.11
CA ILE A 12 2.78 3.59 -3.80
C ILE A 12 4.01 3.56 -2.92
N GLN A 13 4.78 2.49 -3.02
CA GLN A 13 6.02 2.35 -2.27
C GLN A 13 7.05 3.38 -2.75
N GLU A 14 6.91 3.81 -3.99
CA GLU A 14 7.79 4.82 -4.56
C GLU A 14 7.44 6.20 -3.99
N MET A 15 6.16 6.40 -3.71
CA MET A 15 5.69 7.66 -3.14
C MET A 15 5.82 7.66 -1.63
N PHE A 16 5.35 6.59 -1.02
CA PHE A 16 5.35 6.47 0.42
C PHE A 16 6.11 5.22 0.88
N PRO A 17 7.44 5.31 0.96
CA PRO A 17 8.29 4.21 1.41
C PRO A 17 8.21 4.04 2.92
N GLN A 18 7.48 4.94 3.56
CA GLN A 18 7.31 4.94 5.00
C GLN A 18 6.55 3.69 5.48
N VAL A 19 5.72 3.12 4.61
CA VAL A 19 4.96 1.94 4.97
C VAL A 19 5.55 0.68 4.31
N PRO A 20 5.28 -0.49 4.88
CA PRO A 20 5.78 -1.77 4.36
C PRO A 20 5.11 -2.14 3.05
N TYR A 21 5.91 -2.50 2.08
CA TYR A 21 5.44 -2.86 0.74
C TYR A 21 4.38 -3.98 0.79
N HIS A 22 4.57 -4.95 1.68
CA HIS A 22 3.62 -6.07 1.78
C HIS A 22 2.26 -5.61 2.30
N LEU A 23 2.23 -4.61 3.18
CA LEU A 23 0.97 -4.09 3.69
C LEU A 23 0.25 -3.34 2.59
N VAL A 24 1.03 -2.80 1.67
CA VAL A 24 0.47 -2.12 0.53
C VAL A 24 -0.16 -3.15 -0.38
N LEU A 25 0.59 -4.22 -0.64
CA LEU A 25 0.11 -5.34 -1.44
C LEU A 25 -1.18 -5.90 -0.85
N GLN A 26 -1.21 -6.02 0.47
CA GLN A 26 -2.37 -6.52 1.18
C GLN A 26 -3.59 -5.63 0.95
N ASP A 27 -3.39 -4.32 0.95
CA ASP A 27 -4.49 -3.40 0.73
C ASP A 27 -4.93 -3.46 -0.73
N LEU A 28 -3.98 -3.72 -1.61
CA LEU A 28 -4.29 -3.86 -3.03
C LEU A 28 -5.04 -5.16 -3.30
N GLN A 29 -4.96 -6.08 -2.37
CA GLN A 29 -5.71 -7.33 -2.45
C GLN A 29 -7.07 -7.10 -1.81
N LEU A 30 -7.13 -6.06 -1.02
CA LEU A 30 -8.26 -5.70 -0.24
C LEU A 30 -9.17 -4.70 -0.97
N THR A 31 -8.58 -3.64 -1.48
CA THR A 31 -9.33 -2.60 -2.18
C THR A 31 -9.13 -2.72 -3.69
N ARG A 32 -7.94 -3.20 -4.08
CA ARG A 32 -7.55 -3.33 -5.47
C ARG A 32 -7.49 -1.99 -6.18
N SER A 33 -7.33 -0.92 -5.40
CA SER A 33 -7.28 0.41 -5.95
C SER A 33 -6.18 1.21 -5.29
N VAL A 34 -5.08 1.41 -6.02
CA VAL A 34 -3.95 2.20 -5.51
C VAL A 34 -4.41 3.60 -5.09
N GLU A 35 -5.39 4.13 -5.81
CA GLU A 35 -5.96 5.43 -5.50
C GLU A 35 -6.51 5.42 -4.08
N ILE A 36 -7.20 4.35 -3.72
CA ILE A 36 -7.74 4.22 -2.38
C ILE A 36 -6.63 3.90 -1.42
N THR A 37 -5.86 2.85 -1.72
CA THR A 37 -4.73 2.41 -0.91
C THR A 37 -3.83 3.58 -0.46
N THR A 38 -3.51 4.49 -1.38
CA THR A 38 -2.66 5.61 -1.06
C THR A 38 -3.38 6.58 -0.11
N ASP A 39 -4.64 6.86 -0.41
CA ASP A 39 -5.45 7.73 0.44
C ASP A 39 -5.71 7.02 1.76
N ASN A 40 -5.83 5.71 1.67
CA ASN A 40 -6.01 4.84 2.81
C ASN A 40 -4.89 5.07 3.82
N ILE A 41 -3.66 5.09 3.31
CA ILE A 41 -2.50 5.37 4.13
C ILE A 41 -2.61 6.74 4.78
N LEU A 42 -2.93 7.72 3.95
CA LEU A 42 -3.03 9.12 4.37
C LEU A 42 -4.15 9.34 5.39
N GLU A 43 -5.21 8.57 5.29
CA GLU A 43 -6.31 8.65 6.24
C GLU A 43 -5.96 7.99 7.57
N GLY A 44 -4.92 7.18 7.54
CA GLY A 44 -4.49 6.48 8.73
C GLY A 44 -5.02 5.08 8.78
N ARG A 45 -5.54 4.61 7.65
CA ARG A 45 -6.06 3.27 7.53
C ARG A 45 -4.91 2.29 7.61
N ILE A 46 -3.83 2.62 6.94
CA ILE A 46 -2.63 1.83 6.97
C ILE A 46 -1.64 2.48 7.90
N GLN A 47 -1.38 1.84 9.02
CA GLN A 47 -0.52 2.40 10.05
C GLN A 47 0.93 2.44 9.60
N VAL A 48 1.55 3.59 9.79
CA VAL A 48 2.93 3.79 9.42
C VAL A 48 3.88 3.38 10.54
N PRO A 49 4.82 2.45 10.27
CA PRO A 49 5.80 2.03 11.23
C PRO A 49 6.90 3.08 11.37
N PHE A 50 7.38 3.26 12.58
CA PHE A 50 8.42 4.24 12.83
C PHE A 50 9.66 3.55 13.36
N PRO A 51 10.85 4.12 13.09
CA PRO A 51 12.11 3.59 13.62
C PRO A 51 12.08 3.54 15.14
N THR A 52 12.30 2.36 15.69
CA THR A 52 12.29 2.18 17.12
C THR A 52 13.14 0.96 17.49
N SER A 1 -4.41 -13.62 -10.29
CA SER A 1 -3.00 -13.18 -10.28
C SER A 1 -2.87 -11.86 -9.52
N ASN A 2 -1.75 -11.67 -8.84
CA ASN A 2 -1.52 -10.45 -8.07
C ASN A 2 -0.38 -9.64 -8.68
N SER A 3 0.12 -10.10 -9.83
CA SER A 3 1.24 -9.44 -10.50
C SER A 3 0.93 -7.98 -10.84
N GLN A 4 -0.31 -7.68 -11.15
CA GLN A 4 -0.70 -6.32 -11.48
C GLN A 4 -0.84 -5.48 -10.22
N LEU A 5 -1.21 -6.15 -9.13
CA LEU A 5 -1.35 -5.49 -7.84
C LEU A 5 0.04 -5.11 -7.32
N ASN A 6 0.98 -6.04 -7.48
CA ASN A 6 2.36 -5.83 -7.06
C ASN A 6 2.96 -4.63 -7.78
N ALA A 7 2.69 -4.54 -9.07
CA ALA A 7 3.16 -3.43 -9.87
C ALA A 7 2.61 -2.11 -9.34
N MET A 8 1.32 -2.10 -9.04
CA MET A 8 0.66 -0.93 -8.50
C MET A 8 1.23 -0.54 -7.14
N ALA A 9 1.52 -1.55 -6.33
CA ALA A 9 2.09 -1.35 -5.00
C ALA A 9 3.41 -0.59 -5.11
N HIS A 10 4.20 -0.91 -6.13
CA HIS A 10 5.47 -0.23 -6.34
C HIS A 10 5.25 1.24 -6.68
N GLN A 11 4.12 1.55 -7.31
CA GLN A 11 3.80 2.91 -7.69
C GLN A 11 3.46 3.74 -6.46
N ILE A 12 2.95 3.08 -5.43
CA ILE A 12 2.68 3.75 -4.17
C ILE A 12 3.95 3.81 -3.36
N GLN A 13 4.76 2.77 -3.47
CA GLN A 13 6.01 2.66 -2.74
C GLN A 13 6.95 3.82 -3.08
N GLU A 14 6.99 4.17 -4.35
CA GLU A 14 7.83 5.27 -4.81
C GLU A 14 7.32 6.60 -4.27
N MET A 15 6.06 6.63 -3.86
CA MET A 15 5.46 7.82 -3.29
C MET A 15 5.60 7.79 -1.77
N PHE A 16 5.45 6.60 -1.20
CA PHE A 16 5.52 6.41 0.24
C PHE A 16 6.39 5.22 0.61
N PRO A 17 7.73 5.38 0.60
CA PRO A 17 8.68 4.31 0.98
C PRO A 17 8.63 4.03 2.47
N GLN A 18 7.97 4.93 3.22
CA GLN A 18 7.83 4.82 4.66
C GLN A 18 7.00 3.59 5.04
N VAL A 19 6.05 3.23 4.20
CA VAL A 19 5.19 2.12 4.50
C VAL A 19 5.77 0.81 3.97
N PRO A 20 5.36 -0.32 4.54
CA PRO A 20 5.81 -1.63 4.13
C PRO A 20 5.18 -2.09 2.84
N TYR A 21 6.03 -2.49 1.90
CA TYR A 21 5.61 -2.96 0.58
C TYR A 21 4.54 -4.07 0.68
N HIS A 22 4.69 -4.96 1.66
CA HIS A 22 3.73 -6.06 1.85
C HIS A 22 2.36 -5.58 2.33
N LEU A 23 2.30 -4.45 3.02
CA LEU A 23 1.02 -3.93 3.47
C LEU A 23 0.32 -3.22 2.34
N VAL A 24 1.11 -2.76 1.39
CA VAL A 24 0.56 -2.11 0.21
C VAL A 24 -0.08 -3.17 -0.66
N LEU A 25 0.66 -4.26 -0.86
CA LEU A 25 0.18 -5.43 -1.61
C LEU A 25 -1.15 -5.92 -1.04
N GLN A 26 -1.20 -5.96 0.28
CA GLN A 26 -2.37 -6.41 1.00
C GLN A 26 -3.59 -5.52 0.72
N ASP A 27 -3.41 -4.19 0.81
CA ASP A 27 -4.53 -3.28 0.59
C ASP A 27 -4.96 -3.29 -0.87
N LEU A 28 -4.02 -3.54 -1.76
CA LEU A 28 -4.34 -3.61 -3.18
C LEU A 28 -5.15 -4.86 -3.46
N GLN A 29 -4.97 -5.85 -2.62
CA GLN A 29 -5.75 -7.06 -2.71
C GLN A 29 -7.15 -6.80 -2.17
N LEU A 30 -7.27 -5.75 -1.38
CA LEU A 30 -8.52 -5.39 -0.75
C LEU A 30 -9.29 -4.36 -1.59
N THR A 31 -8.62 -3.27 -1.95
CA THR A 31 -9.26 -2.18 -2.66
C THR A 31 -9.05 -2.26 -4.16
N ARG A 32 -7.88 -2.77 -4.57
CA ARG A 32 -7.49 -2.85 -5.97
C ARG A 32 -7.34 -1.46 -6.59
N SER A 33 -7.19 -0.45 -5.75
CA SER A 33 -7.05 0.92 -6.22
C SER A 33 -5.96 1.64 -5.45
N VAL A 34 -4.88 2.02 -6.14
CA VAL A 34 -3.78 2.70 -5.50
C VAL A 34 -4.22 4.06 -4.97
N GLU A 35 -5.19 4.67 -5.64
CA GLU A 35 -5.72 5.95 -5.20
C GLU A 35 -6.33 5.81 -3.82
N ILE A 36 -7.02 4.69 -3.60
CA ILE A 36 -7.62 4.42 -2.32
C ILE A 36 -6.54 4.01 -1.33
N THR A 37 -5.77 3.00 -1.70
CA THR A 37 -4.67 2.49 -0.88
C THR A 37 -3.77 3.60 -0.30
N THR A 38 -3.38 4.55 -1.15
CA THR A 38 -2.54 5.65 -0.71
C THR A 38 -3.26 6.52 0.31
N ASP A 39 -4.51 6.86 0.01
CA ASP A 39 -5.33 7.63 0.93
C ASP A 39 -5.62 6.80 2.16
N ASN A 40 -5.80 5.51 1.94
CA ASN A 40 -6.01 4.53 2.99
C ASN A 40 -4.90 4.62 4.01
N ILE A 41 -3.67 4.63 3.52
CA ILE A 41 -2.48 4.77 4.36
C ILE A 41 -2.60 6.04 5.21
N LEU A 42 -2.79 7.13 4.53
CA LEU A 42 -2.83 8.46 5.12
C LEU A 42 -3.96 8.59 6.16
N GLU A 43 -5.08 7.95 5.89
CA GLU A 43 -6.23 8.00 6.80
C GLU A 43 -6.05 7.09 8.01
N GLY A 44 -5.02 6.25 7.96
CA GLY A 44 -4.74 5.37 9.08
C GLY A 44 -5.28 3.98 8.90
N ARG A 45 -5.75 3.66 7.70
CA ARG A 45 -6.26 2.33 7.39
C ARG A 45 -5.15 1.31 7.50
N ILE A 46 -3.97 1.70 7.06
CA ILE A 46 -2.82 0.85 7.11
C ILE A 46 -1.88 1.31 8.21
N GLN A 47 -1.70 0.48 9.20
CA GLN A 47 -0.85 0.79 10.34
C GLN A 47 0.61 0.89 9.91
N VAL A 48 1.22 2.03 10.17
CA VAL A 48 2.60 2.25 9.83
C VAL A 48 3.51 1.90 11.01
N PRO A 49 4.56 1.10 10.78
CA PRO A 49 5.50 0.73 11.82
C PRO A 49 6.48 1.86 12.11
N PHE A 50 6.96 1.91 13.33
CA PHE A 50 7.88 2.95 13.75
C PHE A 50 9.31 2.42 13.74
N PRO A 51 10.27 3.27 13.35
CA PRO A 51 11.69 2.90 13.35
C PRO A 51 12.14 2.45 14.73
N THR A 52 12.67 1.26 14.81
CA THR A 52 13.09 0.71 16.07
C THR A 52 14.56 0.32 16.01
N SER A 1 0.97 -12.53 -5.29
CA SER A 1 -0.13 -13.28 -5.90
C SER A 1 -0.44 -12.75 -7.30
N ASN A 2 -0.82 -11.49 -7.40
CA ASN A 2 -1.12 -10.88 -8.69
C ASN A 2 -0.05 -9.91 -9.08
N SER A 3 0.62 -10.17 -10.19
CA SER A 3 1.68 -9.33 -10.69
C SER A 3 1.18 -7.89 -10.89
N GLN A 4 -0.08 -7.76 -11.32
CA GLN A 4 -0.69 -6.47 -11.54
C GLN A 4 -0.76 -5.67 -10.24
N LEU A 5 -1.29 -6.30 -9.19
CA LEU A 5 -1.42 -5.64 -7.89
C LEU A 5 -0.06 -5.26 -7.32
N ASN A 6 0.95 -6.08 -7.62
CA ASN A 6 2.30 -5.80 -7.16
C ASN A 6 2.80 -4.50 -7.77
N ALA A 7 2.61 -4.35 -9.08
CA ALA A 7 3.02 -3.14 -9.78
C ALA A 7 2.36 -1.92 -9.18
N MET A 8 1.06 -2.05 -8.93
CA MET A 8 0.27 -1.00 -8.33
C MET A 8 0.85 -0.59 -6.98
N ALA A 9 1.17 -1.59 -6.16
CA ALA A 9 1.75 -1.36 -4.85
C ALA A 9 3.14 -0.74 -4.97
N HIS A 10 3.87 -1.14 -6.02
CA HIS A 10 5.21 -0.61 -6.26
C HIS A 10 5.20 0.89 -6.44
N GLN A 11 4.29 1.37 -7.28
CA GLN A 11 4.16 2.81 -7.53
C GLN A 11 3.84 3.57 -6.25
N ILE A 12 2.95 3.02 -5.46
CA ILE A 12 2.60 3.65 -4.18
C ILE A 12 3.80 3.64 -3.24
N GLN A 13 4.50 2.50 -3.21
CA GLN A 13 5.68 2.35 -2.36
C GLN A 13 6.78 3.35 -2.76
N GLU A 14 6.79 3.72 -4.02
CA GLU A 14 7.75 4.68 -4.53
C GLU A 14 7.37 6.10 -4.07
N MET A 15 6.08 6.31 -3.85
CA MET A 15 5.58 7.60 -3.40
C MET A 15 5.55 7.66 -1.86
N PHE A 16 5.34 6.51 -1.25
CA PHE A 16 5.28 6.39 0.20
C PHE A 16 6.24 5.33 0.72
N PRO A 17 7.55 5.60 0.69
CA PRO A 17 8.56 4.67 1.17
C PRO A 17 8.53 4.52 2.68
N GLN A 18 7.88 5.48 3.34
CA GLN A 18 7.77 5.49 4.80
C GLN A 18 7.00 4.28 5.33
N VAL A 19 6.12 3.72 4.51
CA VAL A 19 5.34 2.57 4.93
C VAL A 19 5.91 1.29 4.33
N PRO A 20 5.54 0.13 4.89
CA PRO A 20 5.98 -1.17 4.39
C PRO A 20 5.21 -1.62 3.15
N TYR A 21 5.94 -2.11 2.17
CA TYR A 21 5.38 -2.56 0.89
C TYR A 21 4.31 -3.65 1.08
N HIS A 22 4.54 -4.56 2.01
CA HIS A 22 3.59 -5.67 2.26
C HIS A 22 2.22 -5.13 2.66
N LEU A 23 2.23 -4.11 3.49
CA LEU A 23 0.99 -3.55 4.00
C LEU A 23 0.26 -2.79 2.91
N VAL A 24 1.02 -2.21 2.00
CA VAL A 24 0.45 -1.52 0.85
C VAL A 24 -0.27 -2.53 -0.03
N LEU A 25 0.44 -3.59 -0.38
CA LEU A 25 -0.11 -4.68 -1.20
C LEU A 25 -1.37 -5.25 -0.55
N GLN A 26 -1.35 -5.30 0.78
CA GLN A 26 -2.47 -5.78 1.56
C GLN A 26 -3.76 -5.02 1.20
N ASP A 27 -3.64 -3.70 1.07
CA ASP A 27 -4.78 -2.85 0.74
C ASP A 27 -5.14 -3.01 -0.73
N LEU A 28 -4.16 -3.30 -1.56
CA LEU A 28 -4.41 -3.51 -2.97
C LEU A 28 -5.18 -4.81 -3.21
N GLN A 29 -5.21 -5.67 -2.20
CA GLN A 29 -6.00 -6.88 -2.28
C GLN A 29 -7.40 -6.55 -1.82
N LEU A 30 -7.48 -5.46 -1.11
CA LEU A 30 -8.69 -4.98 -0.50
C LEU A 30 -9.43 -4.02 -1.44
N THR A 31 -8.78 -2.94 -1.83
CA THR A 31 -9.39 -1.94 -2.68
C THR A 31 -9.07 -2.19 -4.13
N ARG A 32 -7.83 -2.64 -4.37
CA ARG A 32 -7.32 -2.86 -5.72
C ARG A 32 -7.33 -1.53 -6.47
N SER A 33 -7.25 -0.46 -5.70
CA SER A 33 -7.30 0.88 -6.21
C SER A 33 -6.25 1.74 -5.52
N VAL A 34 -5.14 2.01 -6.21
CA VAL A 34 -4.05 2.78 -5.64
C VAL A 34 -4.50 4.18 -5.24
N GLU A 35 -5.52 4.68 -5.94
CA GLU A 35 -6.08 5.98 -5.65
C GLU A 35 -6.65 6.00 -4.24
N ILE A 36 -7.30 4.90 -3.89
CA ILE A 36 -7.87 4.76 -2.57
C ILE A 36 -6.77 4.40 -1.60
N THR A 37 -6.04 3.33 -1.89
CA THR A 37 -4.91 2.85 -1.10
C THR A 37 -4.02 3.99 -0.59
N THR A 38 -3.65 4.92 -1.47
CA THR A 38 -2.80 6.02 -1.08
C THR A 38 -3.45 6.88 0.01
N ASP A 39 -4.74 7.15 -0.16
CA ASP A 39 -5.49 7.91 0.84
C ASP A 39 -5.73 7.03 2.04
N ASN A 40 -5.96 5.77 1.77
CA ASN A 40 -6.15 4.74 2.76
C ASN A 40 -4.98 4.72 3.73
N ILE A 41 -3.77 4.76 3.18
CA ILE A 41 -2.55 4.80 3.99
C ILE A 41 -2.61 6.00 4.93
N LEU A 42 -2.89 7.14 4.35
CA LEU A 42 -2.95 8.41 5.05
C LEU A 42 -4.01 8.40 6.14
N GLU A 43 -5.11 7.70 5.90
CA GLU A 43 -6.20 7.62 6.86
C GLU A 43 -5.94 6.58 7.94
N GLY A 44 -4.83 5.86 7.81
CA GLY A 44 -4.46 4.89 8.82
C GLY A 44 -4.93 3.48 8.49
N ARG A 45 -5.36 3.26 7.26
CA ARG A 45 -5.78 1.93 6.83
C ARG A 45 -4.55 1.04 6.73
N ILE A 46 -3.46 1.64 6.27
CA ILE A 46 -2.19 0.96 6.21
C ILE A 46 -1.34 1.45 7.37
N GLN A 47 -1.25 0.62 8.38
CA GLN A 47 -0.53 0.97 9.58
C GLN A 47 0.35 -0.20 10.01
N VAL A 48 1.56 0.12 10.44
CA VAL A 48 2.49 -0.91 10.88
C VAL A 48 1.97 -1.61 12.13
N PRO A 49 1.71 -2.92 12.04
CA PRO A 49 1.20 -3.70 13.13
C PRO A 49 2.29 -4.17 14.06
N PHE A 50 1.90 -4.68 15.19
CA PHE A 50 2.84 -5.15 16.18
C PHE A 50 3.08 -6.64 15.98
N PRO A 51 4.30 -7.13 16.28
CA PRO A 51 4.64 -8.54 16.15
C PRO A 51 3.54 -9.43 16.73
N THR A 52 3.00 -10.29 15.91
CA THR A 52 1.93 -11.18 16.31
C THR A 52 1.94 -12.43 15.45
N SER A 1 -3.36 -11.95 -10.28
CA SER A 1 -3.14 -10.58 -10.75
C SER A 1 -1.75 -10.08 -10.32
N ASN A 2 -0.77 -10.98 -10.38
CA ASN A 2 0.59 -10.68 -9.91
C ASN A 2 1.28 -9.57 -10.71
N SER A 3 0.88 -9.40 -11.96
CA SER A 3 1.50 -8.38 -12.80
C SER A 3 0.89 -7.02 -12.55
N GLN A 4 -0.38 -6.99 -12.16
CA GLN A 4 -1.08 -5.74 -11.94
C GLN A 4 -0.91 -5.23 -10.51
N LEU A 5 -1.22 -6.08 -9.54
CA LEU A 5 -1.19 -5.67 -8.13
C LEU A 5 0.21 -5.25 -7.69
N ASN A 6 1.19 -6.07 -8.03
CA ASN A 6 2.57 -5.80 -7.64
C ASN A 6 3.07 -4.49 -8.23
N ALA A 7 2.76 -4.27 -9.51
CA ALA A 7 3.16 -3.05 -10.19
C ALA A 7 2.49 -1.83 -9.56
N MET A 8 1.22 -1.97 -9.19
CA MET A 8 0.49 -0.89 -8.54
C MET A 8 1.14 -0.55 -7.20
N ALA A 9 1.44 -1.58 -6.42
CA ALA A 9 2.08 -1.40 -5.13
C ALA A 9 3.46 -0.77 -5.31
N HIS A 10 4.10 -1.07 -6.43
CA HIS A 10 5.39 -0.49 -6.78
C HIS A 10 5.31 1.02 -6.88
N GLN A 11 4.32 1.50 -7.63
CA GLN A 11 4.13 2.93 -7.86
C GLN A 11 3.75 3.68 -6.59
N ILE A 12 3.13 3.02 -5.64
CA ILE A 12 2.82 3.65 -4.38
C ILE A 12 4.07 3.67 -3.50
N GLN A 13 4.79 2.56 -3.51
CA GLN A 13 5.99 2.38 -2.69
C GLN A 13 7.05 3.46 -3.00
N GLU A 14 7.22 3.76 -4.28
CA GLU A 14 8.20 4.75 -4.69
C GLU A 14 7.85 6.15 -4.18
N MET A 15 6.57 6.36 -3.88
CA MET A 15 6.12 7.64 -3.38
C MET A 15 5.99 7.60 -1.86
N PHE A 16 5.52 6.49 -1.35
CA PHE A 16 5.30 6.32 0.08
C PHE A 16 6.12 5.16 0.64
N PRO A 17 7.39 5.42 1.00
CA PRO A 17 8.26 4.40 1.59
C PRO A 17 7.92 4.18 3.07
N GLN A 18 7.00 4.99 3.57
CA GLN A 18 6.55 4.93 4.96
C GLN A 18 5.75 3.66 5.23
N VAL A 19 5.24 3.05 4.18
CA VAL A 19 4.46 1.84 4.30
C VAL A 19 5.17 0.68 3.60
N PRO A 20 5.53 -0.37 4.37
CA PRO A 20 6.18 -1.57 3.83
C PRO A 20 5.43 -2.15 2.64
N TYR A 21 6.19 -2.52 1.62
CA TYR A 21 5.66 -3.04 0.36
C TYR A 21 4.64 -4.17 0.57
N HIS A 22 4.89 -5.06 1.54
CA HIS A 22 3.96 -6.17 1.81
C HIS A 22 2.58 -5.66 2.16
N LEU A 23 2.53 -4.62 3.00
CA LEU A 23 1.26 -4.09 3.46
C LEU A 23 0.52 -3.41 2.33
N VAL A 24 1.29 -2.75 1.45
CA VAL A 24 0.72 -2.10 0.29
C VAL A 24 0.05 -3.12 -0.61
N LEU A 25 0.83 -4.13 -1.03
CA LEU A 25 0.35 -5.20 -1.90
C LEU A 25 -0.85 -5.91 -1.27
N GLN A 26 -0.85 -5.98 0.04
CA GLN A 26 -1.93 -6.57 0.79
C GLN A 26 -3.23 -5.80 0.55
N ASP A 27 -3.15 -4.48 0.70
CA ASP A 27 -4.31 -3.62 0.54
C ASP A 27 -4.80 -3.59 -0.89
N LEU A 28 -3.90 -3.86 -1.82
CA LEU A 28 -4.26 -3.88 -3.23
C LEU A 28 -5.16 -5.07 -3.54
N GLN A 29 -5.21 -6.01 -2.64
CA GLN A 29 -6.13 -7.13 -2.75
C GLN A 29 -7.46 -6.77 -2.10
N LEU A 30 -7.40 -5.78 -1.23
CA LEU A 30 -8.56 -5.34 -0.48
C LEU A 30 -9.29 -4.23 -1.22
N THR A 31 -8.57 -3.18 -1.57
CA THR A 31 -9.17 -2.04 -2.22
C THR A 31 -9.00 -2.13 -3.73
N ARG A 32 -7.85 -2.69 -4.15
CA ARG A 32 -7.51 -2.81 -5.56
C ARG A 32 -7.46 -1.44 -6.22
N SER A 33 -7.24 -0.41 -5.42
CA SER A 33 -7.19 0.94 -5.90
C SER A 33 -6.04 1.68 -5.25
N VAL A 34 -4.99 1.97 -6.02
CA VAL A 34 -3.85 2.69 -5.49
C VAL A 34 -4.28 4.05 -4.92
N GLU A 35 -5.36 4.60 -5.46
CA GLU A 35 -5.91 5.85 -4.98
C GLU A 35 -6.33 5.68 -3.52
N ILE A 36 -7.13 4.65 -3.27
CA ILE A 36 -7.59 4.36 -1.93
C ILE A 36 -6.43 3.89 -1.07
N THR A 37 -5.61 3.01 -1.63
CA THR A 37 -4.46 2.44 -0.91
C THR A 37 -3.49 3.52 -0.42
N THR A 38 -3.42 4.63 -1.11
CA THR A 38 -2.54 5.71 -0.69
C THR A 38 -3.28 6.63 0.28
N ASP A 39 -4.56 6.80 0.02
CA ASP A 39 -5.40 7.66 0.84
C ASP A 39 -5.74 6.99 2.14
N ASN A 40 -5.96 5.69 2.10
CA ASN A 40 -6.31 4.93 3.28
C ASN A 40 -5.18 5.02 4.33
N ILE A 41 -3.94 5.07 3.83
CA ILE A 41 -2.78 5.25 4.67
C ILE A 41 -2.88 6.59 5.38
N LEU A 42 -3.12 7.61 4.59
CA LEU A 42 -3.23 8.97 5.05
C LEU A 42 -4.43 9.18 5.99
N GLU A 43 -5.49 8.44 5.73
CA GLU A 43 -6.69 8.50 6.56
C GLU A 43 -6.46 7.85 7.92
N GLY A 44 -5.37 7.09 8.03
CA GLY A 44 -5.05 6.43 9.28
C GLY A 44 -5.62 5.04 9.34
N ARG A 45 -5.98 4.50 8.19
CA ARG A 45 -6.55 3.16 8.09
C ARG A 45 -5.47 2.12 8.35
N ILE A 46 -4.29 2.39 7.81
CA ILE A 46 -3.17 1.49 7.93
C ILE A 46 -2.06 2.15 8.73
N GLN A 47 -1.65 1.49 9.78
CA GLN A 47 -0.61 2.00 10.63
C GLN A 47 0.75 1.75 9.99
N VAL A 48 1.41 2.82 9.64
CA VAL A 48 2.69 2.72 8.97
C VAL A 48 3.86 2.83 9.94
N PRO A 49 4.77 1.85 9.93
CA PRO A 49 5.97 1.88 10.76
C PRO A 49 7.06 2.72 10.12
N PHE A 50 7.55 3.68 10.85
CA PHE A 50 8.60 4.55 10.35
C PHE A 50 9.95 3.99 10.77
N PRO A 51 11.04 4.35 10.04
CA PRO A 51 12.40 3.88 10.35
C PRO A 51 12.72 3.97 11.84
N THR A 52 13.05 2.83 12.42
CA THR A 52 13.34 2.73 13.84
C THR A 52 14.14 1.45 14.12
N SER A 1 0.42 -12.67 -14.18
CA SER A 1 -0.62 -13.20 -13.32
C SER A 1 -0.69 -12.42 -12.02
N ASN A 2 -1.63 -11.48 -11.94
CA ASN A 2 -1.80 -10.61 -10.76
C ASN A 2 -0.59 -9.73 -10.56
N SER A 3 0.20 -9.58 -11.62
CA SER A 3 1.41 -8.78 -11.60
C SER A 3 1.05 -7.30 -11.45
N GLN A 4 -0.21 -6.98 -11.79
CA GLN A 4 -0.72 -5.63 -11.66
C GLN A 4 -0.62 -5.15 -10.22
N LEU A 5 -0.91 -6.05 -9.29
CA LEU A 5 -0.85 -5.73 -7.87
C LEU A 5 0.55 -5.32 -7.47
N ASN A 6 1.53 -6.10 -7.92
CA ASN A 6 2.92 -5.82 -7.61
C ASN A 6 3.32 -4.46 -8.17
N ALA A 7 2.86 -4.18 -9.38
CA ALA A 7 3.14 -2.92 -10.04
C ALA A 7 2.48 -1.76 -9.31
N MET A 8 1.19 -1.92 -9.01
CA MET A 8 0.43 -0.87 -8.33
C MET A 8 1.01 -0.56 -6.97
N ALA A 9 1.24 -1.60 -6.17
CA ALA A 9 1.81 -1.43 -4.84
C ALA A 9 3.20 -0.82 -4.92
N HIS A 10 3.94 -1.20 -5.95
CA HIS A 10 5.29 -0.69 -6.14
C HIS A 10 5.29 0.82 -6.33
N GLN A 11 4.31 1.34 -7.06
CA GLN A 11 4.24 2.77 -7.31
C GLN A 11 3.90 3.53 -6.05
N ILE A 12 3.01 2.97 -5.25
CA ILE A 12 2.67 3.58 -3.98
C ILE A 12 3.88 3.53 -3.05
N GLN A 13 4.60 2.42 -3.09
CA GLN A 13 5.80 2.23 -2.28
C GLN A 13 6.87 3.26 -2.68
N GLU A 14 6.83 3.68 -3.94
CA GLU A 14 7.76 4.68 -4.44
C GLU A 14 7.35 6.07 -3.94
N MET A 15 6.05 6.31 -3.88
CA MET A 15 5.54 7.57 -3.39
C MET A 15 5.67 7.65 -1.87
N PHE A 16 5.37 6.54 -1.21
CA PHE A 16 5.42 6.47 0.24
C PHE A 16 6.27 5.28 0.72
N PRO A 17 7.61 5.41 0.68
CA PRO A 17 8.52 4.36 1.14
C PRO A 17 8.43 4.13 2.66
N GLN A 18 7.77 5.06 3.34
CA GLN A 18 7.60 5.01 4.77
C GLN A 18 6.72 3.84 5.21
N VAL A 19 5.88 3.35 4.31
CA VAL A 19 4.97 2.27 4.65
C VAL A 19 5.52 0.91 4.25
N PRO A 20 4.96 -0.17 4.82
CA PRO A 20 5.35 -1.54 4.49
C PRO A 20 4.68 -2.00 3.20
N TYR A 21 5.47 -2.56 2.33
CA TYR A 21 4.99 -3.02 1.03
C TYR A 21 3.90 -4.10 1.18
N HIS A 22 4.03 -4.94 2.21
CA HIS A 22 3.05 -6.02 2.45
C HIS A 22 1.66 -5.44 2.65
N LEU A 23 1.56 -4.43 3.49
CA LEU A 23 0.29 -3.84 3.83
C LEU A 23 -0.32 -3.12 2.63
N VAL A 24 0.54 -2.54 1.81
CA VAL A 24 0.09 -1.89 0.59
C VAL A 24 -0.52 -2.90 -0.36
N LEU A 25 0.26 -3.92 -0.70
CA LEU A 25 -0.18 -5.00 -1.59
C LEU A 25 -1.48 -5.62 -1.07
N GLN A 26 -1.54 -5.76 0.24
CA GLN A 26 -2.72 -6.28 0.92
C GLN A 26 -3.97 -5.48 0.55
N ASP A 27 -3.88 -4.16 0.69
CA ASP A 27 -5.02 -3.28 0.43
C ASP A 27 -5.35 -3.25 -1.06
N LEU A 28 -4.37 -3.50 -1.89
CA LEU A 28 -4.60 -3.54 -3.34
C LEU A 28 -5.44 -4.73 -3.74
N GLN A 29 -5.50 -5.72 -2.87
CA GLN A 29 -6.33 -6.89 -3.10
C GLN A 29 -7.68 -6.64 -2.49
N LEU A 30 -7.70 -5.69 -1.59
CA LEU A 30 -8.86 -5.31 -0.85
C LEU A 30 -9.67 -4.23 -1.59
N THR A 31 -9.01 -3.14 -1.95
CA THR A 31 -9.67 -2.04 -2.62
C THR A 31 -9.42 -2.08 -4.12
N ARG A 32 -8.29 -2.69 -4.52
CA ARG A 32 -7.90 -2.83 -5.92
C ARG A 32 -7.62 -1.47 -6.57
N SER A 33 -7.45 -0.44 -5.76
CA SER A 33 -7.21 0.88 -6.28
C SER A 33 -6.12 1.60 -5.51
N VAL A 34 -5.04 1.97 -6.18
CA VAL A 34 -3.96 2.70 -5.54
C VAL A 34 -4.44 4.06 -5.04
N GLU A 35 -5.47 4.61 -5.70
CA GLU A 35 -6.03 5.88 -5.29
C GLU A 35 -6.66 5.76 -3.93
N ILE A 36 -7.25 4.60 -3.67
CA ILE A 36 -7.84 4.33 -2.39
C ILE A 36 -6.75 3.97 -1.39
N THR A 37 -5.93 2.99 -1.76
CA THR A 37 -4.81 2.52 -0.95
C THR A 37 -3.91 3.67 -0.44
N THR A 38 -3.57 4.62 -1.30
CA THR A 38 -2.72 5.73 -0.90
C THR A 38 -3.45 6.61 0.12
N ASP A 39 -4.73 6.89 -0.14
CA ASP A 39 -5.55 7.65 0.79
C ASP A 39 -5.76 6.82 2.03
N ASN A 40 -5.86 5.52 1.83
CA ASN A 40 -6.02 4.55 2.89
C ASN A 40 -4.88 4.68 3.87
N ILE A 41 -3.66 4.77 3.33
CA ILE A 41 -2.47 4.97 4.14
C ILE A 41 -2.63 6.22 4.99
N LEU A 42 -2.95 7.31 4.33
CA LEU A 42 -3.11 8.61 4.94
C LEU A 42 -4.28 8.64 5.93
N GLU A 43 -5.23 7.75 5.75
CA GLU A 43 -6.37 7.63 6.62
C GLU A 43 -6.03 6.78 7.86
N GLY A 44 -4.90 6.11 7.80
CA GLY A 44 -4.46 5.29 8.91
C GLY A 44 -4.77 3.82 8.72
N ARG A 45 -5.21 3.47 7.52
CA ARG A 45 -5.52 2.07 7.19
C ARG A 45 -4.21 1.27 7.17
N ILE A 46 -3.15 1.92 6.77
CA ILE A 46 -1.84 1.31 6.71
C ILE A 46 -0.89 2.02 7.69
N GLN A 47 -0.68 1.39 8.83
CA GLN A 47 0.18 1.91 9.87
C GLN A 47 1.64 1.64 9.54
N VAL A 48 2.53 2.48 10.02
CA VAL A 48 3.94 2.32 9.78
C VAL A 48 4.67 1.75 11.01
N PRO A 49 5.21 0.53 10.89
CA PRO A 49 5.96 -0.10 11.97
C PRO A 49 7.32 0.58 12.14
N PHE A 50 7.59 1.05 13.33
CA PHE A 50 8.84 1.72 13.59
C PHE A 50 9.86 0.71 14.10
N PRO A 51 11.17 0.97 13.88
CA PRO A 51 12.22 0.09 14.37
C PRO A 51 12.06 -0.15 15.86
N THR A 52 11.91 -1.40 16.23
CA THR A 52 11.69 -1.78 17.60
C THR A 52 12.15 -3.21 17.84
N SER A 1 -2.61 -12.66 -11.65
CA SER A 1 -3.48 -11.62 -11.07
C SER A 1 -2.70 -10.79 -10.06
N ASN A 2 -2.02 -11.46 -9.11
CA ASN A 2 -1.26 -10.79 -8.06
C ASN A 2 -0.11 -9.97 -8.65
N SER A 3 0.34 -10.36 -9.83
CA SER A 3 1.40 -9.65 -10.53
C SER A 3 1.02 -8.19 -10.75
N GLN A 4 -0.23 -7.95 -11.12
CA GLN A 4 -0.71 -6.58 -11.31
C GLN A 4 -0.81 -5.87 -9.97
N LEU A 5 -1.24 -6.62 -8.96
CA LEU A 5 -1.36 -6.11 -7.60
C LEU A 5 -0.02 -5.57 -7.11
N ASN A 6 1.04 -6.33 -7.35
CA ASN A 6 2.40 -5.94 -6.97
C ASN A 6 2.80 -4.68 -7.72
N ALA A 7 2.53 -4.68 -9.02
CA ALA A 7 2.86 -3.54 -9.87
C ALA A 7 2.14 -2.27 -9.42
N MET A 8 0.92 -2.42 -8.94
CA MET A 8 0.13 -1.29 -8.48
C MET A 8 0.78 -0.62 -7.26
N ALA A 9 1.21 -1.43 -6.31
CA ALA A 9 1.82 -0.91 -5.08
C ALA A 9 3.19 -0.31 -5.35
N HIS A 10 3.74 -0.58 -6.53
CA HIS A 10 5.06 -0.08 -6.91
C HIS A 10 5.11 1.44 -6.84
N GLN A 11 4.22 2.09 -7.56
CA GLN A 11 4.18 3.55 -7.61
C GLN A 11 3.86 4.16 -6.26
N ILE A 12 3.04 3.47 -5.48
CA ILE A 12 2.70 3.95 -4.15
C ILE A 12 3.94 3.93 -3.26
N GLN A 13 4.71 2.86 -3.35
CA GLN A 13 5.94 2.71 -2.56
C GLN A 13 6.93 3.81 -2.91
N GLU A 14 6.94 4.18 -4.19
CA GLU A 14 7.80 5.22 -4.69
C GLU A 14 7.48 6.57 -4.03
N MET A 15 6.21 6.76 -3.71
CA MET A 15 5.76 8.00 -3.11
C MET A 15 5.75 7.92 -1.59
N PHE A 16 5.51 6.72 -1.07
CA PHE A 16 5.41 6.52 0.36
C PHE A 16 6.25 5.35 0.84
N PRO A 17 7.55 5.59 1.08
CA PRO A 17 8.45 4.56 1.62
C PRO A 17 8.18 4.30 3.09
N GLN A 18 7.36 5.18 3.69
CA GLN A 18 6.98 5.07 5.09
C GLN A 18 6.21 3.78 5.37
N VAL A 19 5.58 3.25 4.33
CA VAL A 19 4.80 2.05 4.47
C VAL A 19 5.42 0.90 3.68
N PRO A 20 5.66 -0.25 4.34
CA PRO A 20 6.22 -1.44 3.70
C PRO A 20 5.45 -1.87 2.46
N TYR A 21 6.18 -2.31 1.45
CA TYR A 21 5.62 -2.74 0.16
C TYR A 21 4.48 -3.74 0.36
N HIS A 22 4.70 -4.70 1.25
CA HIS A 22 3.73 -5.76 1.51
C HIS A 22 2.50 -5.22 2.21
N LEU A 23 2.68 -4.22 3.07
CA LEU A 23 1.55 -3.64 3.78
C LEU A 23 0.71 -2.82 2.82
N VAL A 24 1.32 -2.40 1.73
CA VAL A 24 0.59 -1.69 0.69
C VAL A 24 -0.21 -2.71 -0.11
N LEU A 25 0.47 -3.80 -0.47
CA LEU A 25 -0.15 -4.93 -1.17
C LEU A 25 -1.37 -5.41 -0.40
N GLN A 26 -1.26 -5.35 0.92
CA GLN A 26 -2.30 -5.73 1.84
C GLN A 26 -3.64 -5.08 1.50
N ASP A 27 -3.61 -3.79 1.23
CA ASP A 27 -4.83 -3.05 0.93
C ASP A 27 -5.21 -3.16 -0.54
N LEU A 28 -4.23 -3.39 -1.38
CA LEU A 28 -4.47 -3.51 -2.80
C LEU A 28 -5.32 -4.73 -3.10
N GLN A 29 -5.14 -5.76 -2.32
CA GLN A 29 -5.94 -6.96 -2.47
C GLN A 29 -7.37 -6.67 -2.02
N LEU A 30 -7.51 -5.62 -1.22
CA LEU A 30 -8.78 -5.25 -0.65
C LEU A 30 -9.51 -4.22 -1.52
N THR A 31 -8.82 -3.13 -1.85
CA THR A 31 -9.43 -2.05 -2.59
C THR A 31 -9.12 -2.14 -4.07
N ARG A 32 -7.95 -2.68 -4.41
CA ARG A 32 -7.49 -2.81 -5.79
C ARG A 32 -7.33 -1.46 -6.47
N SER A 33 -7.29 -0.42 -5.68
CA SER A 33 -7.17 0.92 -6.20
C SER A 33 -6.05 1.65 -5.50
N VAL A 34 -4.95 1.86 -6.22
CA VAL A 34 -3.81 2.55 -5.66
C VAL A 34 -4.19 3.96 -5.18
N GLU A 35 -5.14 4.59 -5.87
CA GLU A 35 -5.61 5.89 -5.47
C GLU A 35 -6.26 5.85 -4.11
N ILE A 36 -7.09 4.82 -3.89
CA ILE A 36 -7.73 4.65 -2.60
C ILE A 36 -6.69 4.25 -1.57
N THR A 37 -5.93 3.21 -1.88
CA THR A 37 -4.85 2.72 -1.02
C THR A 37 -3.94 3.86 -0.51
N THR A 38 -3.57 4.78 -1.38
CA THR A 38 -2.71 5.89 -0.97
C THR A 38 -3.45 6.79 0.02
N ASP A 39 -4.69 7.11 -0.32
CA ASP A 39 -5.56 7.91 0.55
C ASP A 39 -5.85 7.14 1.83
N ASN A 40 -5.96 5.83 1.65
CA ASN A 40 -6.18 4.90 2.72
C ASN A 40 -5.05 4.99 3.74
N ILE A 41 -3.81 4.92 3.25
CA ILE A 41 -2.62 5.06 4.10
C ILE A 41 -2.69 6.34 4.90
N LEU A 42 -3.04 7.40 4.21
CA LEU A 42 -3.10 8.75 4.77
C LEU A 42 -4.19 8.90 5.84
N GLU A 43 -5.16 7.99 5.87
CA GLU A 43 -6.20 8.04 6.89
C GLU A 43 -6.01 7.00 7.97
N GLY A 44 -4.92 6.24 7.88
CA GLY A 44 -4.65 5.25 8.91
C GLY A 44 -5.16 3.86 8.57
N ARG A 45 -5.54 3.65 7.33
CA ARG A 45 -5.99 2.33 6.87
C ARG A 45 -4.83 1.35 6.92
N ILE A 46 -3.66 1.85 6.57
CA ILE A 46 -2.46 1.05 6.57
C ILE A 46 -1.44 1.70 7.48
N GLN A 47 -1.22 1.10 8.62
CA GLN A 47 -0.27 1.63 9.55
C GLN A 47 0.83 0.64 9.84
N VAL A 48 1.97 1.14 10.27
CA VAL A 48 3.13 0.33 10.52
C VAL A 48 3.22 -0.04 12.01
N PRO A 49 3.92 -1.14 12.33
CA PRO A 49 4.10 -1.58 13.70
C PRO A 49 5.22 -0.81 14.39
N PHE A 50 5.10 -0.67 15.68
CA PHE A 50 6.08 0.04 16.48
C PHE A 50 6.28 -0.68 17.80
N PRO A 51 7.46 -0.54 18.44
CA PRO A 51 7.75 -1.18 19.72
C PRO A 51 6.64 -0.92 20.73
N THR A 52 6.07 -1.99 21.22
CA THR A 52 4.97 -1.90 22.15
C THR A 52 5.16 -2.89 23.29
N SER A 1 -2.28 -14.68 -7.94
CA SER A 1 -2.19 -13.55 -8.88
C SER A 1 -1.93 -12.25 -8.12
N ASN A 2 -0.71 -11.75 -8.22
CA ASN A 2 -0.32 -10.52 -7.56
C ASN A 2 0.61 -9.68 -8.44
N SER A 3 0.80 -10.12 -9.67
CA SER A 3 1.68 -9.42 -10.61
C SER A 3 1.17 -8.00 -10.87
N GLN A 4 -0.14 -7.87 -10.97
CA GLN A 4 -0.78 -6.58 -11.19
C GLN A 4 -0.70 -5.77 -9.90
N LEU A 5 -0.98 -6.43 -8.78
CA LEU A 5 -0.95 -5.80 -7.47
C LEU A 5 0.42 -5.20 -7.19
N ASN A 6 1.46 -5.98 -7.44
CA ASN A 6 2.82 -5.52 -7.23
C ASN A 6 3.10 -4.30 -8.07
N ALA A 7 2.70 -4.35 -9.33
CA ALA A 7 2.89 -3.24 -10.25
C ALA A 7 2.23 -1.99 -9.68
N MET A 8 0.98 -2.13 -9.25
CA MET A 8 0.22 -1.03 -8.69
C MET A 8 0.89 -0.50 -7.42
N ALA A 9 1.25 -1.41 -6.53
CA ALA A 9 1.87 -1.06 -5.26
C ALA A 9 3.18 -0.30 -5.46
N HIS A 10 3.90 -0.62 -6.54
CA HIS A 10 5.17 0.05 -6.84
C HIS A 10 5.00 1.57 -6.89
N GLN A 11 4.01 2.04 -7.65
CA GLN A 11 3.77 3.48 -7.78
C GLN A 11 3.55 4.13 -6.43
N ILE A 12 2.77 3.47 -5.58
CA ILE A 12 2.49 3.97 -4.26
C ILE A 12 3.73 3.94 -3.39
N GLN A 13 4.42 2.80 -3.40
CA GLN A 13 5.64 2.62 -2.60
C GLN A 13 6.71 3.63 -2.99
N GLU A 14 6.68 4.05 -4.24
CA GLU A 14 7.61 5.03 -4.75
C GLU A 14 7.29 6.42 -4.22
N MET A 15 6.03 6.67 -3.94
CA MET A 15 5.61 7.95 -3.39
C MET A 15 5.63 7.92 -1.87
N PHE A 16 5.31 6.75 -1.32
CA PHE A 16 5.25 6.55 0.11
C PHE A 16 6.17 5.41 0.55
N PRO A 17 7.49 5.63 0.53
CA PRO A 17 8.46 4.62 0.94
C PRO A 17 8.44 4.43 2.45
N GLN A 18 7.73 5.31 3.12
CA GLN A 18 7.62 5.28 4.57
C GLN A 18 6.78 4.09 5.06
N VAL A 19 6.01 3.51 4.17
CA VAL A 19 5.17 2.38 4.52
C VAL A 19 5.80 1.09 4.05
N PRO A 20 5.39 -0.05 4.62
CA PRO A 20 5.87 -1.37 4.25
C PRO A 20 5.23 -1.86 2.95
N TYR A 21 6.08 -2.22 2.01
CA TYR A 21 5.67 -2.68 0.68
C TYR A 21 4.60 -3.79 0.75
N HIS A 22 4.82 -4.78 1.61
CA HIS A 22 3.87 -5.91 1.71
C HIS A 22 2.51 -5.49 2.28
N LEU A 23 2.48 -4.43 3.08
CA LEU A 23 1.21 -3.97 3.62
C LEU A 23 0.42 -3.25 2.55
N VAL A 24 1.14 -2.68 1.59
CA VAL A 24 0.51 -2.01 0.46
C VAL A 24 -0.13 -3.06 -0.43
N LEU A 25 0.63 -4.12 -0.69
CA LEU A 25 0.15 -5.26 -1.48
C LEU A 25 -1.17 -5.79 -0.93
N GLN A 26 -1.25 -5.87 0.39
CA GLN A 26 -2.46 -6.33 1.05
C GLN A 26 -3.65 -5.43 0.74
N ASP A 27 -3.48 -4.11 0.90
CA ASP A 27 -4.57 -3.15 0.67
C ASP A 27 -5.02 -3.18 -0.77
N LEU A 28 -4.10 -3.51 -1.66
CA LEU A 28 -4.41 -3.58 -3.08
C LEU A 28 -5.32 -4.76 -3.39
N GLN A 29 -5.41 -5.70 -2.47
CA GLN A 29 -6.34 -6.79 -2.63
C GLN A 29 -7.66 -6.40 -2.00
N LEU A 30 -7.58 -5.49 -1.04
CA LEU A 30 -8.73 -5.03 -0.31
C LEU A 30 -9.48 -4.00 -1.13
N THR A 31 -8.79 -2.96 -1.56
CA THR A 31 -9.41 -1.89 -2.29
C THR A 31 -9.23 -2.05 -3.79
N ARG A 32 -8.09 -2.64 -4.18
CA ARG A 32 -7.76 -2.86 -5.59
C ARG A 32 -7.63 -1.53 -6.33
N SER A 33 -7.40 -0.48 -5.57
CA SER A 33 -7.25 0.84 -6.13
C SER A 33 -6.12 1.57 -5.47
N VAL A 34 -5.05 1.84 -6.23
CA VAL A 34 -3.93 2.59 -5.69
C VAL A 34 -4.38 3.96 -5.19
N GLU A 35 -5.41 4.49 -5.84
CA GLU A 35 -5.98 5.77 -5.47
C GLU A 35 -6.50 5.70 -4.04
N ILE A 36 -7.20 4.63 -3.73
CA ILE A 36 -7.72 4.44 -2.41
C ILE A 36 -6.58 4.10 -1.46
N THR A 37 -5.83 3.06 -1.78
CA THR A 37 -4.68 2.60 -1.00
C THR A 37 -3.76 3.77 -0.54
N THR A 38 -3.46 4.69 -1.45
CA THR A 38 -2.59 5.81 -1.11
C THR A 38 -3.28 6.73 -0.10
N ASP A 39 -4.55 7.02 -0.34
CA ASP A 39 -5.34 7.85 0.55
C ASP A 39 -5.59 7.09 1.84
N ASN A 40 -5.70 5.78 1.68
CA ASN A 40 -5.88 4.85 2.78
C ASN A 40 -4.75 4.99 3.77
N ILE A 41 -3.53 5.02 3.24
CA ILE A 41 -2.33 5.22 4.05
C ILE A 41 -2.45 6.50 4.87
N LEU A 42 -2.85 7.55 4.17
CA LEU A 42 -2.99 8.87 4.75
C LEU A 42 -4.07 8.93 5.84
N GLU A 43 -5.09 8.09 5.71
CA GLU A 43 -6.13 8.03 6.73
C GLU A 43 -5.71 7.12 7.88
N GLY A 44 -4.69 6.31 7.66
CA GLY A 44 -4.23 5.41 8.68
C GLY A 44 -4.77 4.00 8.49
N ARG A 45 -5.32 3.72 7.32
CA ARG A 45 -5.83 2.39 7.00
C ARG A 45 -4.69 1.38 7.11
N ILE A 46 -3.57 1.76 6.54
CA ILE A 46 -2.40 0.94 6.58
C ILE A 46 -1.50 1.39 7.71
N GLN A 47 -1.59 0.69 8.82
CA GLN A 47 -0.85 1.03 10.00
C GLN A 47 0.53 0.39 10.00
N VAL A 48 1.53 1.19 10.29
CA VAL A 48 2.89 0.70 10.37
C VAL A 48 3.13 0.04 11.73
N PRO A 49 4.05 -0.93 11.79
CA PRO A 49 4.35 -1.68 13.03
C PRO A 49 4.70 -0.78 14.22
N PHE A 50 3.79 -0.72 15.17
CA PHE A 50 3.96 0.03 16.40
C PHE A 50 3.40 -0.76 17.57
N PRO A 51 3.91 -0.52 18.80
CA PRO A 51 3.41 -1.19 19.99
C PRO A 51 1.93 -0.91 20.22
N THR A 52 1.15 -1.95 20.28
CA THR A 52 -0.28 -1.82 20.45
C THR A 52 -0.83 -3.10 21.09
N SER A 1 -1.38 -14.19 -6.34
CA SER A 1 -0.05 -13.88 -6.85
C SER A 1 0.29 -12.40 -6.67
N ASN A 2 -0.73 -11.52 -6.82
CA ASN A 2 -0.55 -10.08 -6.70
C ASN A 2 0.33 -9.56 -7.83
N SER A 3 0.17 -10.17 -9.00
CA SER A 3 0.98 -9.84 -10.17
C SER A 3 0.86 -8.35 -10.53
N GLN A 4 -0.36 -7.89 -10.75
CA GLN A 4 -0.57 -6.48 -11.09
C GLN A 4 -0.57 -5.61 -9.86
N LEU A 5 -0.79 -6.23 -8.71
CA LEU A 5 -0.80 -5.50 -7.46
C LEU A 5 0.61 -5.08 -7.09
N ASN A 6 1.57 -5.94 -7.38
CA ASN A 6 2.99 -5.66 -7.14
C ASN A 6 3.40 -4.42 -7.94
N ALA A 7 2.91 -4.35 -9.16
CA ALA A 7 3.19 -3.23 -10.04
C ALA A 7 2.53 -1.96 -9.51
N MET A 8 1.29 -2.08 -9.03
CA MET A 8 0.58 -0.93 -8.52
C MET A 8 1.19 -0.42 -7.22
N ALA A 9 1.48 -1.34 -6.31
CA ALA A 9 2.08 -0.98 -5.03
C ALA A 9 3.44 -0.32 -5.24
N HIS A 10 4.14 -0.77 -6.29
CA HIS A 10 5.44 -0.20 -6.64
C HIS A 10 5.33 1.30 -6.92
N GLN A 11 4.26 1.69 -7.58
CA GLN A 11 4.04 3.11 -7.90
C GLN A 11 3.61 3.90 -6.69
N ILE A 12 2.96 3.24 -5.74
CA ILE A 12 2.61 3.90 -4.50
C ILE A 12 3.86 4.09 -3.67
N GLN A 13 4.74 3.08 -3.68
CA GLN A 13 6.01 3.13 -2.96
C GLN A 13 6.89 4.24 -3.52
N GLU A 14 6.64 4.60 -4.77
CA GLU A 14 7.36 5.68 -5.42
C GLU A 14 6.99 7.01 -4.78
N MET A 15 5.80 7.06 -4.22
CA MET A 15 5.31 8.25 -3.55
C MET A 15 5.49 8.12 -2.04
N PHE A 16 5.30 6.90 -1.53
CA PHE A 16 5.39 6.64 -0.11
C PHE A 16 6.26 5.40 0.19
N PRO A 17 7.59 5.57 0.21
CA PRO A 17 8.50 4.48 0.55
C PRO A 17 8.59 4.31 2.07
N GLN A 18 7.90 5.20 2.76
CA GLN A 18 7.89 5.26 4.22
C GLN A 18 6.95 4.24 4.84
N VAL A 19 6.29 3.44 4.02
CA VAL A 19 5.35 2.46 4.53
C VAL A 19 5.77 1.03 4.14
N PRO A 20 5.24 0.02 4.86
CA PRO A 20 5.53 -1.38 4.60
C PRO A 20 4.90 -1.85 3.31
N TYR A 21 5.71 -2.36 2.42
CA TYR A 21 5.30 -2.77 1.09
C TYR A 21 4.21 -3.86 1.11
N HIS A 22 4.41 -4.90 1.90
CA HIS A 22 3.44 -6.02 1.97
C HIS A 22 2.07 -5.57 2.46
N LEU A 23 2.01 -4.50 3.25
CA LEU A 23 0.75 -4.00 3.74
C LEU A 23 0.01 -3.26 2.64
N VAL A 24 0.78 -2.68 1.74
CA VAL A 24 0.21 -1.98 0.60
C VAL A 24 -0.43 -3.01 -0.32
N LEU A 25 0.30 -4.10 -0.54
CA LEU A 25 -0.18 -5.22 -1.34
C LEU A 25 -1.50 -5.76 -0.79
N GLN A 26 -1.62 -5.75 0.53
CA GLN A 26 -2.82 -6.22 1.19
C GLN A 26 -4.02 -5.37 0.80
N ASP A 27 -3.88 -4.05 0.93
CA ASP A 27 -4.98 -3.14 0.61
C ASP A 27 -5.31 -3.17 -0.86
N LEU A 28 -4.32 -3.50 -1.69
CA LEU A 28 -4.55 -3.60 -3.12
C LEU A 28 -5.38 -4.83 -3.45
N GLN A 29 -5.47 -5.74 -2.51
CA GLN A 29 -6.33 -6.89 -2.64
C GLN A 29 -7.73 -6.52 -2.18
N LEU A 30 -7.78 -5.51 -1.32
CA LEU A 30 -9.02 -5.07 -0.73
C LEU A 30 -9.71 -4.02 -1.59
N THR A 31 -8.97 -2.99 -1.98
CA THR A 31 -9.54 -1.90 -2.74
C THR A 31 -9.19 -2.03 -4.21
N ARG A 32 -8.01 -2.59 -4.51
CA ARG A 32 -7.51 -2.73 -5.87
C ARG A 32 -7.35 -1.36 -6.53
N SER A 33 -7.28 -0.33 -5.71
CA SER A 33 -7.19 1.02 -6.20
C SER A 33 -6.08 1.75 -5.49
N VAL A 34 -4.99 2.03 -6.19
CA VAL A 34 -3.87 2.75 -5.60
C VAL A 34 -4.31 4.13 -5.13
N GLU A 35 -5.32 4.68 -5.80
CA GLU A 35 -5.86 5.98 -5.43
C GLU A 35 -6.43 5.92 -4.03
N ILE A 36 -7.12 4.81 -3.73
CA ILE A 36 -7.68 4.61 -2.42
C ILE A 36 -6.58 4.21 -1.45
N THR A 37 -5.87 3.14 -1.78
CA THR A 37 -4.76 2.62 -0.98
C THR A 37 -3.81 3.72 -0.47
N THR A 38 -3.42 4.64 -1.35
CA THR A 38 -2.53 5.72 -0.97
C THR A 38 -3.20 6.62 0.07
N ASP A 39 -4.46 6.94 -0.16
CA ASP A 39 -5.22 7.77 0.77
C ASP A 39 -5.54 6.95 2.01
N ASN A 40 -5.70 5.65 1.80
CA ASN A 40 -5.93 4.70 2.86
C ASN A 40 -4.78 4.74 3.85
N ILE A 41 -3.56 4.75 3.31
CA ILE A 41 -2.36 4.87 4.12
C ILE A 41 -2.43 6.13 4.97
N LEU A 42 -2.79 7.22 4.31
CA LEU A 42 -2.84 8.53 4.91
C LEU A 42 -3.91 8.66 6.00
N GLU A 43 -5.01 7.91 5.87
CA GLU A 43 -6.06 7.93 6.87
C GLU A 43 -5.77 6.93 7.99
N GLY A 44 -4.63 6.24 7.88
CA GLY A 44 -4.23 5.31 8.90
C GLY A 44 -4.84 3.94 8.72
N ARG A 45 -5.20 3.60 7.50
CA ARG A 45 -5.76 2.29 7.21
C ARG A 45 -4.67 1.25 7.23
N ILE A 46 -3.49 1.65 6.83
CA ILE A 46 -2.34 0.78 6.85
C ILE A 46 -1.62 0.99 8.17
N GLN A 47 -1.61 -0.04 8.98
CA GLN A 47 -1.00 0.03 10.30
C GLN A 47 0.52 0.04 10.19
N VAL A 48 1.11 1.15 10.59
CA VAL A 48 2.56 1.29 10.55
C VAL A 48 3.22 0.31 11.52
N PRO A 49 4.50 -0.02 11.30
CA PRO A 49 5.24 -0.95 12.16
C PRO A 49 5.33 -0.44 13.59
N PHE A 50 4.65 -1.13 14.49
CA PHE A 50 4.67 -0.79 15.89
C PHE A 50 5.72 -1.63 16.61
N PRO A 51 6.27 -1.12 17.73
CA PRO A 51 7.25 -1.84 18.54
C PRO A 51 6.73 -3.22 18.94
N THR A 52 7.46 -4.24 18.59
CA THR A 52 7.07 -5.59 18.88
C THR A 52 8.21 -6.35 19.56
#